data_6MT9
#
_entry.id   6MT9
#
_cell.length_a   126.337
_cell.length_b   126.337
_cell.length_c   125.436
_cell.angle_alpha   90.00
_cell.angle_beta   90.00
_cell.angle_gamma   90.00
#
_symmetry.space_group_name_H-M   'P 43 21 2'
#
loop_
_entity.id
_entity.type
_entity.pdbx_description
1 polymer 'Ribonucleoside-diphosphate reductase'
2 non-polymer "THYMIDINE-5'-TRIPHOSPHATE"
3 non-polymer "ADENOSINE-5'-DIPHOSPHATE"
4 non-polymer "ADENOSINE-5'-TRIPHOSPHATE"
5 non-polymer 'MAGNESIUM ION'
6 water water
#
_entity_poly.entity_id   1
_entity_poly.type   'polypeptide(L)'
_entity_poly.pdbx_seq_one_letter_code
;MSQNQVPKWIQLNNEIMIQKDGKFQFDKDKEAVHSYFVDYINQNTVFFHNLKEKLDYLVENQYYEEEFLSLYSFEDIKEV
FKTAYAKKFRFPSFMSAFKFYNDYALKTNDKKKILERYEDRISIVALFFANGDTEKAKEYVNLMINQEYQPSTPTFLNAG
RKRRGELVSCFLLEVNDSLNDISRAIDISMQLSKLGGGVSLNLSKLRAKGEAIKDVENATKGVVGVMKLLDNAFRYADQM
GQRQGSGAAYLNIFHRDINDFLDTKKISADEDVRVKTLSIGVVIPDKFVELAREDKAAYVFYPHTIYKEYGQHMDEMDMN
EMYDKFVDNPRVKKEKINPRKLLEKLAMLRSESGYPYIMFQDNVNKVHANNHISKVKFSNLCSEVLQASQVSSYTDYDEE
DEIGLDISCNLGSLNILNVMEHKSIEKTVKLATDSLTHVSETTDIRNAPAVRRANKAMKSIGLGAMNLHGYLAQNGIAYE
SPEARDFANTFFMMVNFYSIQRSAEIAKEKGETFDQYEGSTYATGEYFDKYVSTDFSPKYEKIANLFEGMHIPTTEDWKK
LKAFVAEHGMYHSYRLCIAPTGSISYVQSSTASVMPIMERIEERTYGNSKTYYPMPGLASNNWFFYKEAYDMDMFKVVDM
IATIQQHIDQGISFTLFLKDTMTTRDLNRIDLYAHHRGIKTIYYARTKDTGQDSCLSCVV
;
_entity_poly.pdbx_strand_id   A
#
loop_
_chem_comp.id
_chem_comp.type
_chem_comp.name
_chem_comp.formula
ADP non-polymer ADENOSINE-5'-DIPHOSPHATE 'C10 H15 N5 O10 P2'
ATP non-polymer ADENOSINE-5'-TRIPHOSPHATE 'C10 H16 N5 O13 P3'
MG non-polymer 'MAGNESIUM ION' 'Mg 2'
TTP non-polymer THYMIDINE-5'-TRIPHOSPHATE 'C10 H17 N2 O14 P3'
#
# COMPACT_ATOMS: atom_id res chain seq x y z
N VAL A 6 -30.29 -6.99 -24.00
CA VAL A 6 -28.91 -7.15 -23.58
C VAL A 6 -27.94 -6.74 -24.70
N PRO A 7 -27.00 -5.86 -24.38
CA PRO A 7 -26.13 -5.28 -25.40
C PRO A 7 -25.29 -6.33 -26.13
N LYS A 8 -24.70 -5.89 -27.24
CA LYS A 8 -23.93 -6.79 -28.09
C LYS A 8 -22.58 -7.14 -27.48
N TRP A 9 -21.94 -6.20 -26.81
CA TRP A 9 -20.66 -6.49 -26.17
C TRP A 9 -20.84 -7.49 -25.04
N ILE A 10 -21.94 -7.38 -24.28
CA ILE A 10 -22.25 -8.38 -23.27
C ILE A 10 -22.55 -9.73 -23.91
N GLN A 11 -23.13 -9.72 -25.11
CA GLN A 11 -23.41 -10.97 -25.82
C GLN A 11 -22.10 -11.70 -26.15
N LEU A 12 -21.20 -11.01 -26.85
CA LEU A 12 -19.91 -11.60 -27.18
C LEU A 12 -19.10 -11.93 -25.93
N ASN A 13 -19.24 -11.11 -24.89
CA ASN A 13 -18.52 -11.36 -23.64
C ASN A 13 -18.92 -12.71 -23.04
N ASN A 14 -20.23 -12.96 -22.92
CA ASN A 14 -20.70 -14.23 -22.38
C ASN A 14 -20.36 -15.42 -23.27
N GLU A 15 -20.09 -15.18 -24.56
CA GLU A 15 -19.76 -16.27 -25.46
C GLU A 15 -18.39 -16.87 -25.19
N ILE A 16 -17.58 -16.25 -24.32
CA ILE A 16 -16.35 -16.90 -23.88
C ILE A 16 -16.67 -18.23 -23.23
N MET A 17 -17.72 -18.26 -22.40
CA MET A 17 -18.08 -19.42 -21.59
C MET A 17 -18.81 -20.50 -22.38
N ILE A 18 -19.05 -20.31 -23.67
CA ILE A 18 -19.62 -21.34 -24.52
C ILE A 18 -18.46 -21.99 -25.26
N GLN A 19 -18.12 -23.21 -24.85
CA GLN A 19 -16.88 -23.84 -25.28
C GLN A 19 -16.94 -24.25 -26.76
N LYS A 20 -15.77 -24.29 -27.39
CA LYS A 20 -15.64 -24.77 -28.76
C LYS A 20 -15.20 -26.23 -28.77
N ASP A 21 -13.93 -26.48 -29.05
CA ASP A 21 -13.39 -27.83 -28.95
C ASP A 21 -13.02 -28.14 -27.50
N GLY A 22 -13.99 -27.99 -26.59
CA GLY A 22 -13.73 -27.99 -25.16
C GLY A 22 -13.09 -26.71 -24.62
N LYS A 23 -12.39 -25.97 -25.47
CA LYS A 23 -11.72 -24.74 -25.09
C LYS A 23 -12.72 -23.61 -24.95
N PHE A 24 -12.41 -22.66 -24.06
CA PHE A 24 -13.18 -21.45 -23.99
C PHE A 24 -12.93 -20.58 -25.22
N GLN A 25 -13.86 -19.66 -25.47
CA GLN A 25 -13.71 -18.71 -26.58
C GLN A 25 -13.09 -17.41 -26.05
N PHE A 26 -11.79 -17.49 -25.77
CA PHE A 26 -11.07 -16.34 -25.22
C PHE A 26 -11.02 -15.18 -26.20
N ASP A 27 -11.02 -15.47 -27.51
CA ASP A 27 -10.93 -14.41 -28.50
C ASP A 27 -12.21 -13.59 -28.63
N LYS A 28 -13.32 -14.08 -28.07
CA LYS A 28 -14.58 -13.35 -28.17
C LYS A 28 -14.51 -12.03 -27.42
N ASP A 29 -13.67 -11.93 -26.38
CA ASP A 29 -13.58 -10.70 -25.60
C ASP A 29 -12.92 -9.58 -26.39
N LYS A 30 -12.08 -9.90 -27.39
CA LYS A 30 -11.58 -8.87 -28.29
C LYS A 30 -12.72 -8.25 -29.08
N GLU A 31 -13.66 -9.08 -29.55
CA GLU A 31 -14.84 -8.57 -30.21
C GLU A 31 -15.70 -7.76 -29.24
N ALA A 32 -15.89 -8.27 -28.03
CA ALA A 32 -16.75 -7.62 -27.06
C ALA A 32 -16.31 -6.19 -26.78
N VAL A 33 -15.01 -5.99 -26.55
CA VAL A 33 -14.56 -4.63 -26.22
C VAL A 33 -14.61 -3.74 -27.46
N HIS A 34 -14.42 -4.32 -28.65
CA HIS A 34 -14.62 -3.54 -29.87
C HIS A 34 -16.07 -3.09 -30.00
N SER A 35 -17.00 -4.03 -29.81
CA SER A 35 -18.43 -3.69 -29.82
C SER A 35 -18.76 -2.68 -28.72
N TYR A 36 -18.12 -2.82 -27.55
CA TYR A 36 -18.39 -1.90 -26.45
C TYR A 36 -18.02 -0.48 -26.80
N PHE A 37 -16.99 -0.29 -27.63
CA PHE A 37 -16.58 1.05 -28.05
C PHE A 37 -17.44 1.57 -29.18
N VAL A 38 -17.44 0.86 -30.31
CA VAL A 38 -18.11 1.35 -31.52
C VAL A 38 -19.60 1.57 -31.27
N ASP A 39 -20.23 0.69 -30.48
CA ASP A 39 -21.66 0.73 -30.28
C ASP A 39 -22.06 1.37 -28.95
N TYR A 40 -21.14 2.06 -28.28
CA TYR A 40 -21.50 2.75 -27.04
C TYR A 40 -20.52 3.85 -26.66
N ILE A 41 -19.28 3.46 -26.34
CA ILE A 41 -18.33 4.41 -25.76
C ILE A 41 -18.11 5.60 -26.69
N ASN A 42 -17.86 5.32 -27.97
CA ASN A 42 -17.61 6.40 -28.92
C ASN A 42 -18.82 7.32 -29.06
N GLN A 43 -20.03 6.81 -28.85
CA GLN A 43 -21.24 7.59 -29.02
C GLN A 43 -21.61 8.43 -27.81
N ASN A 44 -21.04 8.14 -26.64
CA ASN A 44 -21.25 8.95 -25.46
C ASN A 44 -20.02 9.76 -25.09
N THR A 45 -18.99 9.75 -25.93
CA THR A 45 -17.80 10.56 -25.69
C THR A 45 -17.98 11.89 -26.40
N VAL A 46 -17.87 12.98 -25.65
CA VAL A 46 -17.91 14.31 -26.25
C VAL A 46 -16.66 14.51 -27.10
N PHE A 47 -16.86 14.96 -28.33
CA PHE A 47 -15.76 15.22 -29.25
C PHE A 47 -15.83 16.68 -29.69
N PHE A 48 -14.77 17.42 -29.38
CA PHE A 48 -14.65 18.83 -29.73
C PHE A 48 -13.98 18.98 -31.09
N HIS A 49 -14.21 20.13 -31.73
CA HIS A 49 -13.57 20.39 -33.01
C HIS A 49 -12.05 20.47 -32.88
N ASN A 50 -11.59 20.94 -31.74
CA ASN A 50 -10.12 20.93 -31.55
C ASN A 50 -9.83 20.64 -30.08
N LEU A 51 -8.56 20.60 -29.74
CA LEU A 51 -8.16 20.31 -28.37
C LEU A 51 -8.25 21.56 -27.48
N LYS A 52 -7.88 22.72 -28.02
CA LYS A 52 -8.04 23.97 -27.28
C LYS A 52 -9.50 24.20 -26.93
N GLU A 53 -10.40 23.90 -27.87
CA GLU A 53 -11.83 23.98 -27.58
C GLU A 53 -12.21 23.02 -26.45
N LYS A 54 -11.61 21.83 -26.44
CA LYS A 54 -11.85 20.86 -25.36
C LYS A 54 -11.33 21.39 -24.03
N LEU A 55 -10.06 21.81 -24.01
CA LEU A 55 -9.46 22.25 -22.76
C LEU A 55 -10.10 23.53 -22.24
N ASP A 56 -10.35 24.51 -23.13
CA ASP A 56 -11.04 25.72 -22.72
C ASP A 56 -12.40 25.41 -22.10
N TYR A 57 -13.15 24.48 -22.70
CA TYR A 57 -14.43 24.06 -22.14
C TYR A 57 -14.22 23.43 -20.76
N LEU A 58 -13.27 22.50 -20.65
CA LEU A 58 -13.03 21.83 -19.37
C LEU A 58 -12.52 22.81 -18.31
N VAL A 59 -11.78 23.83 -18.71
CA VAL A 59 -11.35 24.84 -17.75
C VAL A 59 -12.52 25.75 -17.37
N GLU A 60 -13.20 26.31 -18.39
CA GLU A 60 -14.26 27.28 -18.13
C GLU A 60 -15.44 26.69 -17.39
N ASN A 61 -15.66 25.37 -17.47
CA ASN A 61 -16.75 24.71 -16.77
C ASN A 61 -16.33 24.07 -15.44
N GLN A 62 -15.21 24.52 -14.87
CA GLN A 62 -14.76 24.10 -13.54
C GLN A 62 -14.41 22.61 -13.46
N TYR A 63 -14.22 21.95 -14.60
CA TYR A 63 -13.79 20.55 -14.59
C TYR A 63 -12.31 20.44 -14.27
N TYR A 64 -11.46 21.04 -15.10
CA TYR A 64 -10.03 21.03 -14.87
C TYR A 64 -9.60 22.24 -14.03
N GLU A 65 -8.41 22.11 -13.44
CA GLU A 65 -7.70 23.20 -12.80
C GLU A 65 -6.96 24.02 -13.86
N GLU A 66 -6.66 25.26 -13.51
CA GLU A 66 -6.02 26.15 -14.48
C GLU A 66 -4.52 26.29 -14.29
N GLU A 67 -4.03 26.23 -13.04
CA GLU A 67 -2.65 26.62 -12.77
C GLU A 67 -1.65 25.71 -13.45
N PHE A 68 -1.86 24.39 -13.37
CA PHE A 68 -0.88 23.46 -13.90
C PHE A 68 -0.84 23.50 -15.42
N LEU A 69 -1.98 23.73 -16.07
CA LEU A 69 -1.98 23.88 -17.53
C LEU A 69 -1.32 25.18 -17.96
N SER A 70 -1.46 26.24 -17.17
CA SER A 70 -0.88 27.53 -17.52
C SER A 70 0.64 27.53 -17.51
N LEU A 71 1.26 26.49 -16.97
CA LEU A 71 2.72 26.38 -17.01
C LEU A 71 3.24 25.94 -18.36
N TYR A 72 2.36 25.65 -19.31
CA TYR A 72 2.73 25.16 -20.63
C TYR A 72 2.20 26.09 -21.71
N SER A 73 2.95 26.23 -22.79
CA SER A 73 2.45 26.87 -24.00
C SER A 73 1.60 25.87 -24.78
N PHE A 74 0.42 26.30 -25.23
CA PHE A 74 -0.54 25.36 -25.81
C PHE A 74 0.05 24.54 -26.96
N GLU A 75 1.09 25.02 -27.64
CA GLU A 75 1.73 24.16 -28.64
C GLU A 75 2.36 22.95 -27.96
N ASP A 76 2.79 23.09 -26.71
CA ASP A 76 3.37 21.97 -25.99
C ASP A 76 2.30 21.02 -25.45
N ILE A 77 1.16 21.55 -25.02
CA ILE A 77 0.08 20.69 -24.53
C ILE A 77 -0.44 19.82 -25.66
N LYS A 78 -0.46 20.34 -26.89
CA LYS A 78 -0.91 19.55 -28.03
C LYS A 78 0.09 18.44 -28.36
N GLU A 79 1.39 18.71 -28.21
CA GLU A 79 2.39 17.68 -28.45
C GLU A 79 2.29 16.56 -27.43
N VAL A 80 2.01 16.91 -26.17
CA VAL A 80 1.88 15.89 -25.14
C VAL A 80 0.66 15.01 -25.39
N PHE A 81 -0.49 15.64 -25.66
CA PHE A 81 -1.69 14.87 -26.00
C PHE A 81 -1.45 13.99 -27.23
N LYS A 82 -0.78 14.53 -28.25
CA LYS A 82 -0.51 13.74 -29.45
C LYS A 82 0.41 12.58 -29.16
N THR A 83 1.33 12.74 -28.18
CA THR A 83 2.17 11.62 -27.77
C THR A 83 1.34 10.48 -27.22
N ALA A 84 0.32 10.81 -26.40
CA ALA A 84 -0.56 9.77 -25.87
C ALA A 84 -1.31 9.06 -26.99
N TYR A 85 -1.86 9.82 -27.93
CA TYR A 85 -2.63 9.21 -29.01
C TYR A 85 -1.76 8.49 -30.04
N ALA A 86 -0.46 8.79 -30.07
CA ALA A 86 0.43 8.12 -31.02
C ALA A 86 0.53 6.62 -30.75
N LYS A 87 0.26 6.21 -29.51
CA LYS A 87 0.35 4.79 -29.16
C LYS A 87 -0.76 3.98 -29.84
N LYS A 88 -1.90 4.62 -30.11
CA LYS A 88 -3.10 3.93 -30.57
C LYS A 88 -3.46 2.80 -29.62
N PHE A 89 -3.61 3.19 -28.35
CA PHE A 89 -3.84 2.21 -27.30
C PHE A 89 -5.24 1.62 -27.42
N ARG A 90 -5.31 0.30 -27.42
CA ARG A 90 -6.57 -0.44 -27.49
C ARG A 90 -6.67 -1.37 -26.28
N PHE A 91 -7.77 -1.26 -25.54
CA PHE A 91 -7.99 -2.15 -24.41
C PHE A 91 -8.18 -3.58 -24.91
N PRO A 92 -7.43 -4.55 -24.38
CA PRO A 92 -7.48 -5.91 -24.91
C PRO A 92 -8.67 -6.73 -24.43
N SER A 93 -9.49 -6.18 -23.54
CA SER A 93 -10.56 -6.94 -22.93
C SER A 93 -11.71 -5.99 -22.59
N PHE A 94 -12.90 -6.57 -22.42
CA PHE A 94 -14.06 -5.75 -22.11
C PHE A 94 -13.95 -5.10 -20.74
N MET A 95 -13.64 -5.89 -19.72
CA MET A 95 -13.65 -5.38 -18.34
C MET A 95 -12.56 -4.33 -18.11
N SER A 96 -11.45 -4.40 -18.86
CA SER A 96 -10.41 -3.38 -18.71
C SER A 96 -10.91 -2.00 -19.15
N ALA A 97 -11.60 -1.93 -20.29
CA ALA A 97 -12.16 -0.67 -20.74
C ALA A 97 -13.36 -0.25 -19.88
N PHE A 98 -14.19 -1.23 -19.50
CA PHE A 98 -15.34 -0.94 -18.66
C PHE A 98 -14.92 -0.27 -17.35
N LYS A 99 -13.89 -0.81 -16.70
CA LYS A 99 -13.46 -0.27 -15.42
C LYS A 99 -12.90 1.14 -15.56
N PHE A 100 -12.20 1.42 -16.66
CA PHE A 100 -11.65 2.78 -16.80
C PHE A 100 -12.76 3.81 -16.97
N TYR A 101 -13.74 3.52 -17.82
CA TYR A 101 -14.77 4.49 -18.10
C TYR A 101 -15.81 4.57 -16.99
N ASN A 102 -16.05 3.47 -16.27
CA ASN A 102 -16.97 3.50 -15.13
C ASN A 102 -16.35 4.07 -13.86
N ASP A 103 -15.03 4.03 -13.72
CA ASP A 103 -14.41 4.39 -12.46
C ASP A 103 -13.45 5.56 -12.55
N TYR A 104 -12.86 5.82 -13.72
CA TYR A 104 -11.77 6.79 -13.80
C TYR A 104 -12.00 7.91 -14.80
N ALA A 105 -12.65 7.63 -15.93
CA ALA A 105 -12.83 8.63 -16.97
C ALA A 105 -13.72 9.77 -16.46
N LEU A 106 -13.27 11.00 -16.67
CA LEU A 106 -14.06 12.16 -16.25
C LEU A 106 -15.35 12.22 -17.05
N LYS A 107 -16.47 12.26 -16.35
CA LYS A 107 -17.78 12.44 -16.95
C LYS A 107 -18.28 13.85 -16.64
N THR A 108 -19.33 14.24 -17.36
CA THR A 108 -19.93 15.55 -17.14
C THR A 108 -20.63 15.58 -15.77
N ASN A 109 -20.84 16.80 -15.27
CA ASN A 109 -21.48 16.96 -13.96
C ASN A 109 -22.80 16.21 -13.89
N ASP A 110 -23.53 16.13 -15.00
CA ASP A 110 -24.78 15.38 -15.07
C ASP A 110 -24.57 13.91 -15.41
N LYS A 111 -23.31 13.46 -15.53
CA LYS A 111 -22.95 12.05 -15.63
C LYS A 111 -23.50 11.39 -16.90
N LYS A 112 -23.74 12.17 -17.96
CA LYS A 112 -24.37 11.62 -19.16
C LYS A 112 -23.37 11.26 -20.25
N LYS A 113 -22.30 12.04 -20.41
CA LYS A 113 -21.35 11.83 -21.50
C LYS A 113 -19.93 11.76 -20.96
N ILE A 114 -19.04 11.20 -21.77
CA ILE A 114 -17.65 10.98 -21.39
C ILE A 114 -16.82 12.17 -21.86
N LEU A 115 -16.12 12.82 -20.94
CA LEU A 115 -15.23 13.91 -21.30
C LEU A 115 -13.80 13.46 -21.57
N GLU A 116 -13.36 12.37 -20.95
CA GLU A 116 -11.97 11.94 -21.05
C GLU A 116 -11.87 10.54 -21.66
N ARG A 117 -11.06 10.42 -22.70
CA ARG A 117 -10.54 9.12 -23.08
C ARG A 117 -9.34 8.78 -22.21
N TYR A 118 -8.96 7.49 -22.23
CA TYR A 118 -7.81 7.02 -21.48
C TYR A 118 -6.57 7.83 -21.79
N GLU A 119 -6.41 8.25 -23.05
CA GLU A 119 -5.28 9.09 -23.44
C GLU A 119 -5.37 10.48 -22.82
N ASP A 120 -6.59 10.95 -22.51
CA ASP A 120 -6.77 12.29 -21.95
C ASP A 120 -6.37 12.32 -20.48
N ARG A 121 -6.88 11.36 -19.70
CA ARG A 121 -6.50 11.29 -18.29
C ARG A 121 -4.99 11.12 -18.15
N ILE A 122 -4.38 10.35 -19.05
CA ILE A 122 -2.94 10.11 -18.96
C ILE A 122 -2.18 11.39 -19.29
N SER A 123 -2.61 12.11 -20.33
CA SER A 123 -1.94 13.35 -20.71
C SER A 123 -2.03 14.39 -19.60
N ILE A 124 -3.18 14.49 -18.93
CA ILE A 124 -3.37 15.47 -17.87
C ILE A 124 -2.48 15.12 -16.67
N VAL A 125 -2.50 13.84 -16.26
CA VAL A 125 -1.65 13.40 -15.16
C VAL A 125 -0.18 13.67 -15.46
N ALA A 126 0.25 13.38 -16.70
CA ALA A 126 1.64 13.62 -17.10
C ALA A 126 1.98 15.10 -17.09
N LEU A 127 1.04 15.96 -17.52
CA LEU A 127 1.28 17.39 -17.48
C LEU A 127 1.37 17.89 -16.05
N PHE A 128 0.58 17.30 -15.15
CA PHE A 128 0.66 17.63 -13.75
C PHE A 128 2.00 17.20 -13.15
N PHE A 129 2.39 15.94 -13.35
CA PHE A 129 3.66 15.43 -12.82
C PHE A 129 4.84 16.26 -13.30
N ALA A 130 4.84 16.65 -14.57
CA ALA A 130 6.03 17.27 -15.16
C ALA A 130 6.22 18.71 -14.73
N ASN A 131 5.15 19.41 -14.35
CA ASN A 131 5.25 20.73 -13.71
C ASN A 131 5.96 21.75 -14.61
N GLY A 132 5.66 21.70 -15.91
CA GLY A 132 6.20 22.62 -16.87
C GLY A 132 7.17 21.99 -17.85
N ASP A 133 7.91 20.97 -17.43
CA ASP A 133 8.90 20.30 -18.29
C ASP A 133 8.18 19.50 -19.36
N THR A 134 8.09 20.06 -20.57
CA THR A 134 7.28 19.45 -21.62
C THR A 134 7.85 18.12 -22.08
N GLU A 135 9.17 18.00 -22.17
CA GLU A 135 9.75 16.71 -22.55
C GLU A 135 9.51 15.66 -21.47
N LYS A 136 9.59 16.06 -20.19
CA LYS A 136 9.28 15.12 -19.11
C LYS A 136 7.82 14.69 -19.16
N ALA A 137 6.92 15.62 -19.48
CA ALA A 137 5.51 15.26 -19.68
C ALA A 137 5.36 14.17 -20.74
N LYS A 138 6.15 14.25 -21.81
CA LYS A 138 6.12 13.20 -22.83
C LYS A 138 6.62 11.88 -22.27
N GLU A 139 7.72 11.91 -21.50
CA GLU A 139 8.21 10.70 -20.85
C GLU A 139 7.15 10.06 -19.95
N TYR A 140 6.43 10.89 -19.19
CA TYR A 140 5.37 10.35 -18.34
C TYR A 140 4.24 9.75 -19.18
N VAL A 141 3.94 10.37 -20.31
CA VAL A 141 2.87 9.87 -21.17
C VAL A 141 3.20 8.47 -21.67
N ASN A 142 4.42 8.30 -22.19
CA ASN A 142 4.83 6.98 -22.68
C ASN A 142 4.84 5.96 -21.56
N LEU A 143 5.40 6.32 -20.40
CA LEU A 143 5.47 5.41 -19.26
C LEU A 143 4.08 4.92 -18.87
N MET A 144 3.07 5.80 -18.93
CA MET A 144 1.72 5.41 -18.53
C MET A 144 0.96 4.75 -19.68
N ILE A 145 1.19 5.19 -20.91
CA ILE A 145 0.44 4.61 -22.04
C ILE A 145 1.03 3.27 -22.43
N ASN A 146 2.34 3.07 -22.22
CA ASN A 146 2.91 1.72 -22.30
C ASN A 146 2.47 0.84 -21.14
N GLN A 147 1.77 1.41 -20.15
CA GLN A 147 1.36 0.69 -18.96
C GLN A 147 2.57 0.08 -18.25
N GLU A 148 3.65 0.86 -18.17
CA GLU A 148 4.81 0.50 -17.36
C GLU A 148 4.63 0.94 -15.90
N TYR A 149 3.93 2.05 -15.68
CA TYR A 149 3.74 2.57 -14.33
C TYR A 149 2.29 3.02 -14.18
N GLN A 150 1.71 2.71 -13.03
CA GLN A 150 0.35 3.13 -12.69
C GLN A 150 0.40 3.87 -11.35
N PRO A 151 0.29 5.20 -11.34
CA PRO A 151 0.12 5.89 -10.06
C PRO A 151 -1.15 5.41 -9.39
N SER A 152 -1.21 5.55 -8.07
CA SER A 152 -2.36 5.11 -7.30
C SER A 152 -3.63 5.79 -7.79
N THR A 153 -4.77 5.16 -7.49
CA THR A 153 -6.07 5.73 -7.83
C THR A 153 -6.28 7.15 -7.31
N PRO A 154 -5.99 7.47 -6.04
CA PRO A 154 -6.11 8.88 -5.60
C PRO A 154 -5.34 9.86 -6.50
N THR A 155 -4.16 9.47 -6.97
CA THR A 155 -3.38 10.34 -7.83
C THR A 155 -3.87 10.29 -9.27
N PHE A 156 -4.08 9.09 -9.81
CA PHE A 156 -4.46 8.95 -11.20
C PHE A 156 -5.84 9.54 -11.48
N LEU A 157 -6.73 9.50 -10.50
CA LEU A 157 -8.10 9.99 -10.69
C LEU A 157 -8.19 11.50 -10.55
N ASN A 158 -7.40 12.11 -9.66
CA ASN A 158 -7.60 13.48 -9.25
C ASN A 158 -6.70 14.49 -9.96
N ALA A 159 -5.50 14.10 -10.36
CA ALA A 159 -4.55 15.06 -10.90
C ALA A 159 -5.17 15.91 -12.01
N GLY A 160 -5.06 17.22 -11.84
CA GLY A 160 -5.54 18.20 -12.83
C GLY A 160 -6.96 18.64 -12.65
N ARG A 161 -7.66 18.15 -11.63
CA ARG A 161 -9.03 18.60 -11.48
C ARG A 161 -9.17 19.81 -10.57
N LYS A 162 -10.24 20.59 -10.82
CA LYS A 162 -10.85 21.42 -9.79
C LYS A 162 -11.88 20.55 -9.07
N ARG A 163 -12.24 20.97 -7.86
CA ARG A 163 -12.97 20.10 -6.93
C ARG A 163 -12.16 18.84 -6.63
N ARG A 164 -10.86 18.90 -6.97
CA ARG A 164 -9.98 17.71 -6.79
C ARG A 164 -9.75 17.40 -5.32
N GLY A 165 -9.89 16.12 -4.99
CA GLY A 165 -9.55 15.57 -3.68
C GLY A 165 -8.03 15.48 -3.49
N GLU A 166 -7.62 15.11 -2.29
CA GLU A 166 -6.18 15.05 -2.03
C GLU A 166 -5.53 13.91 -2.81
N LEU A 167 -4.36 14.16 -3.29
CA LEU A 167 -3.68 13.10 -4.04
C LEU A 167 -3.18 11.98 -3.14
N VAL A 168 -2.91 12.26 -1.88
CA VAL A 168 -2.61 11.22 -0.91
C VAL A 168 -3.87 10.99 -0.08
N SER A 169 -4.17 9.71 0.17
CA SER A 169 -5.35 9.39 0.94
C SER A 169 -5.07 8.31 1.99
N CYS A 170 -3.80 8.07 2.32
CA CYS A 170 -3.42 7.07 3.31
C CYS A 170 -2.62 7.72 4.43
N PHE A 171 -3.08 7.57 5.67
CA PHE A 171 -2.50 8.29 6.80
C PHE A 171 -2.42 7.38 8.03
N LEU A 172 -1.41 7.65 8.86
CA LEU A 172 -1.17 6.92 10.10
C LEU A 172 -0.91 7.95 11.19
N LEU A 173 -1.54 7.77 12.36
CA LEU A 173 -1.49 8.74 13.45
C LEU A 173 -1.02 8.11 14.76
N GLU A 174 -0.16 8.83 15.48
CA GLU A 174 0.12 8.54 16.87
C GLU A 174 -0.85 9.30 17.77
N VAL A 175 -1.19 8.71 18.92
CA VAL A 175 -2.12 9.30 19.88
C VAL A 175 -1.49 9.24 21.27
N ASN A 176 -1.34 10.39 21.92
CA ASN A 176 -0.76 10.45 23.25
C ASN A 176 -1.82 10.22 24.33
N ASP A 177 -1.35 9.96 25.54
CA ASP A 177 -2.19 9.46 26.63
C ASP A 177 -2.82 10.60 27.43
N SER A 178 -3.65 11.40 26.75
CA SER A 178 -4.37 12.48 27.44
C SER A 178 -5.69 12.73 26.72
N LEU A 179 -6.63 13.33 27.46
CA LEU A 179 -7.90 13.72 26.85
C LEU A 179 -7.68 14.73 25.73
N ASN A 180 -6.80 15.72 25.95
CA ASN A 180 -6.44 16.67 24.89
C ASN A 180 -6.03 15.95 23.60
N ASP A 181 -5.16 14.95 23.73
CA ASP A 181 -4.67 14.25 22.54
C ASP A 181 -5.75 13.41 21.90
N ILE A 182 -6.59 12.78 22.72
CA ILE A 182 -7.71 12.00 22.19
C ILE A 182 -8.63 12.89 21.38
N SER A 183 -8.94 14.10 21.91
CA SER A 183 -9.81 15.01 21.18
C SER A 183 -9.20 15.45 19.85
N ARG A 184 -7.89 15.71 19.86
CA ARG A 184 -7.23 16.12 18.62
C ARG A 184 -7.21 14.98 17.61
N ALA A 185 -7.04 13.73 18.07
CA ALA A 185 -7.03 12.60 17.15
C ALA A 185 -8.41 12.39 16.52
N ILE A 186 -9.47 12.60 17.30
CA ILE A 186 -10.84 12.54 16.76
C ILE A 186 -10.99 13.56 15.64
N ASP A 187 -10.57 14.79 15.88
CA ASP A 187 -10.72 15.81 14.85
C ASP A 187 -9.84 15.53 13.64
N ILE A 188 -8.57 15.17 13.85
CA ILE A 188 -7.70 14.88 12.72
C ILE A 188 -8.28 13.76 11.88
N SER A 189 -8.71 12.68 12.52
CA SER A 189 -9.35 11.58 11.80
C SER A 189 -10.49 12.09 10.93
N MET A 190 -11.32 12.99 11.46
CA MET A 190 -12.42 13.52 10.67
C MET A 190 -11.92 14.46 9.58
N GLN A 191 -10.87 15.23 9.86
CA GLN A 191 -10.38 16.16 8.84
C GLN A 191 -9.83 15.40 7.65
N LEU A 192 -9.08 14.33 7.90
CA LEU A 192 -8.52 13.53 6.83
C LEU A 192 -9.60 12.69 6.16
N SER A 193 -10.50 12.09 6.94
CA SER A 193 -11.55 11.27 6.39
C SER A 193 -12.49 12.09 5.51
N LYS A 194 -12.70 13.36 5.85
CA LYS A 194 -13.50 14.24 5.01
C LYS A 194 -12.87 14.39 3.63
N LEU A 195 -11.54 14.39 3.55
CA LEU A 195 -10.81 14.52 2.29
C LEU A 195 -10.71 13.19 1.53
N GLY A 196 -11.35 12.14 2.02
CA GLY A 196 -11.26 10.81 1.41
C GLY A 196 -10.16 9.93 1.94
N GLY A 197 -9.52 10.29 3.06
CA GLY A 197 -8.35 9.56 3.51
C GLY A 197 -8.71 8.33 4.32
N GLY A 198 -7.83 7.33 4.24
CA GLY A 198 -7.89 6.19 5.13
C GLY A 198 -6.92 6.43 6.27
N VAL A 199 -7.43 6.37 7.50
CA VAL A 199 -6.67 6.78 8.68
C VAL A 199 -6.49 5.60 9.62
N SER A 200 -5.24 5.31 9.97
CA SER A 200 -4.89 4.29 10.94
C SER A 200 -4.25 4.96 12.15
N LEU A 201 -4.69 4.59 13.35
CA LEU A 201 -4.21 5.21 14.57
C LEU A 201 -3.62 4.16 15.50
N ASN A 202 -2.47 4.50 16.08
CA ASN A 202 -1.80 3.65 17.05
C ASN A 202 -2.34 3.99 18.44
N LEU A 203 -2.99 3.02 19.08
CA LEU A 203 -3.58 3.24 20.38
C LEU A 203 -2.75 2.66 21.52
N SER A 204 -1.52 2.25 21.26
CA SER A 204 -0.73 1.53 22.26
C SER A 204 -0.27 2.41 23.41
N LYS A 205 -0.28 3.73 23.26
CA LYS A 205 0.15 4.61 24.35
C LYS A 205 -0.98 4.96 25.32
N LEU A 206 -2.23 4.73 24.95
CA LEU A 206 -3.34 5.01 25.85
C LEU A 206 -3.30 4.03 27.03
N ARG A 207 -3.51 4.55 28.23
CA ARG A 207 -3.50 3.68 29.40
C ARG A 207 -4.69 2.72 29.36
N ALA A 208 -4.52 1.57 30.01
CA ALA A 208 -5.45 0.47 29.90
C ALA A 208 -6.67 0.70 30.77
N LYS A 209 -7.70 -0.12 30.57
CA LYS A 209 -8.91 -0.04 31.38
C LYS A 209 -8.55 -0.25 32.85
N GLY A 210 -9.10 0.61 33.72
CA GLY A 210 -8.89 0.47 35.14
C GLY A 210 -7.61 1.09 35.68
N GLU A 211 -6.97 1.96 34.92
CA GLU A 211 -5.80 2.67 35.41
C GLU A 211 -6.23 4.01 36.01
N ALA A 212 -5.32 4.63 36.75
CA ALA A 212 -5.63 5.84 37.48
C ALA A 212 -5.66 7.07 36.56
N ILE A 213 -6.48 8.04 36.94
CA ILE A 213 -6.44 9.39 36.39
C ILE A 213 -6.15 10.32 37.57
N LYS A 214 -5.00 10.99 37.52
CA LYS A 214 -4.46 11.73 38.66
CA LYS A 214 -4.48 11.73 38.67
C LYS A 214 -4.36 10.78 39.85
N ASP A 215 -5.15 11.02 40.90
CA ASP A 215 -5.12 10.15 42.07
C ASP A 215 -6.38 9.32 42.24
N VAL A 216 -7.39 9.53 41.39
CA VAL A 216 -8.56 8.66 41.37
C VAL A 216 -8.14 7.33 40.73
N GLU A 217 -8.09 6.27 41.53
CA GLU A 217 -7.79 4.94 41.02
C GLU A 217 -8.96 4.42 40.20
N ASN A 218 -8.66 3.46 39.32
CA ASN A 218 -9.68 2.68 38.63
C ASN A 218 -10.65 3.55 37.84
N ALA A 219 -10.12 4.55 37.13
CA ALA A 219 -10.96 5.59 36.53
C ALA A 219 -11.03 5.55 35.00
N THR A 220 -10.22 4.74 34.35
CA THR A 220 -10.00 4.85 32.91
C THR A 220 -10.89 3.89 32.15
N LYS A 221 -11.43 4.36 31.02
CA LYS A 221 -12.21 3.50 30.12
C LYS A 221 -11.31 2.57 29.31
N GLY A 222 -10.11 3.00 28.98
CA GLY A 222 -9.19 2.19 28.22
C GLY A 222 -9.31 2.43 26.73
N VAL A 223 -8.69 1.51 25.99
CA VAL A 223 -8.60 1.66 24.54
C VAL A 223 -9.98 1.54 23.89
N VAL A 224 -10.83 0.66 24.40
CA VAL A 224 -12.13 0.45 23.76
C VAL A 224 -12.97 1.73 23.82
N GLY A 225 -12.81 2.53 24.88
CA GLY A 225 -13.54 3.79 24.96
C GLY A 225 -13.15 4.75 23.84
N VAL A 226 -11.86 4.83 23.53
CA VAL A 226 -11.43 5.73 22.47
C VAL A 226 -11.81 5.16 21.11
N MET A 227 -11.83 3.82 20.96
CA MET A 227 -12.28 3.22 19.72
C MET A 227 -13.73 3.59 19.42
N LYS A 228 -14.56 3.64 20.46
CA LYS A 228 -15.97 3.99 20.27
C LYS A 228 -16.10 5.43 19.78
N LEU A 229 -15.34 6.35 20.37
CA LEU A 229 -15.34 7.73 19.87
C LEU A 229 -14.86 7.79 18.42
N LEU A 230 -13.76 7.09 18.11
CA LEU A 230 -13.24 7.12 16.75
C LEU A 230 -14.24 6.49 15.77
N ASP A 231 -14.82 5.35 16.16
CA ASP A 231 -15.82 4.71 15.31
C ASP A 231 -16.88 5.71 14.89
N ASN A 232 -17.36 6.51 15.85
CA ASN A 232 -18.37 7.51 15.56
C ASN A 232 -17.84 8.64 14.70
N ALA A 233 -16.61 9.07 14.95
CA ALA A 233 -16.00 10.12 14.13
C ALA A 233 -15.97 9.71 12.66
N PHE A 234 -15.54 8.48 12.38
CA PHE A 234 -15.51 8.01 10.99
C PHE A 234 -16.92 7.86 10.42
N ARG A 235 -17.90 7.50 11.24
CA ARG A 235 -19.28 7.46 10.76
C ARG A 235 -19.77 8.83 10.31
N TYR A 236 -19.54 9.85 11.14
CA TYR A 236 -20.05 11.18 10.84
C TYR A 236 -19.43 11.76 9.58
N ALA A 237 -18.10 11.73 9.47
CA ALA A 237 -17.38 12.44 8.42
C ALA A 237 -17.19 11.53 7.21
N ASP A 238 -17.96 11.78 6.15
CA ASP A 238 -17.81 11.04 4.89
C ASP A 238 -16.96 11.80 3.88
N SER A 246 -13.97 5.09 7.11
CA SER A 246 -13.02 3.98 7.14
C SER A 246 -11.72 4.30 7.86
N GLY A 247 -11.50 3.61 8.99
CA GLY A 247 -10.32 3.81 9.79
C GLY A 247 -9.84 2.52 10.40
N ALA A 248 -8.69 2.61 11.06
CA ALA A 248 -8.04 1.44 11.65
C ALA A 248 -7.45 1.81 12.99
N ALA A 249 -7.51 0.88 13.93
CA ALA A 249 -6.80 1.00 15.20
C ALA A 249 -5.81 -0.15 15.32
N TYR A 250 -4.57 0.17 15.70
CA TYR A 250 -3.55 -0.84 15.98
C TYR A 250 -3.26 -0.86 17.47
N LEU A 251 -2.93 -2.04 17.99
CA LEU A 251 -2.60 -2.18 19.39
C LEU A 251 -1.45 -3.17 19.53
N ASN A 252 -0.52 -2.88 20.42
CA ASN A 252 0.56 -3.81 20.69
C ASN A 252 0.03 -4.98 21.50
N ILE A 253 0.50 -6.19 21.18
CA ILE A 253 -0.05 -7.38 21.81
C ILE A 253 0.24 -7.45 23.31
N PHE A 254 1.21 -6.69 23.81
CA PHE A 254 1.51 -6.70 25.24
C PHE A 254 0.67 -5.69 26.02
N HIS A 255 -0.22 -4.94 25.36
CA HIS A 255 -1.10 -4.02 26.02
C HIS A 255 -2.21 -4.78 26.75
N ARG A 256 -2.48 -4.37 28.01
CA ARG A 256 -3.46 -5.08 28.83
C ARG A 256 -4.82 -5.19 28.17
N ASP A 257 -5.18 -4.23 27.31
CA ASP A 257 -6.50 -4.20 26.71
C ASP A 257 -6.62 -5.10 25.49
N ILE A 258 -5.60 -5.90 25.16
CA ILE A 258 -5.57 -6.57 23.85
C ILE A 258 -6.80 -7.44 23.65
N ASN A 259 -7.17 -8.22 24.66
CA ASN A 259 -8.34 -9.10 24.55
C ASN A 259 -9.62 -8.30 24.34
N ASP A 260 -9.88 -7.28 25.20
CA ASP A 260 -11.04 -6.43 24.99
C ASP A 260 -11.00 -5.76 23.62
N PHE A 261 -9.81 -5.29 23.22
CA PHE A 261 -9.62 -4.68 21.91
C PHE A 261 -10.04 -5.62 20.79
N LEU A 262 -9.59 -6.89 20.84
CA LEU A 262 -10.00 -7.87 19.84
C LEU A 262 -11.49 -8.15 19.90
N ASP A 263 -12.07 -8.25 21.10
CA ASP A 263 -13.46 -8.66 21.22
C ASP A 263 -14.43 -7.65 20.60
N THR A 264 -14.04 -6.38 20.48
CA THR A 264 -14.90 -5.40 19.83
C THR A 264 -15.24 -5.78 18.39
N LYS A 265 -14.49 -6.72 17.79
CA LYS A 265 -14.66 -7.09 16.39
C LYS A 265 -15.23 -8.49 16.17
N LYS A 266 -15.42 -9.29 17.23
CA LYS A 266 -16.15 -10.54 17.08
C LYS A 266 -17.53 -10.24 16.49
N ILE A 267 -17.91 -10.98 15.45
CA ILE A 267 -19.16 -10.71 14.75
C ILE A 267 -20.35 -10.86 15.69
N SER A 268 -20.20 -11.66 16.75
CA SER A 268 -21.24 -11.81 17.77
C SER A 268 -21.20 -10.73 18.85
N ALA A 269 -20.38 -9.70 18.70
CA ALA A 269 -20.13 -8.77 19.80
C ALA A 269 -21.41 -8.02 20.21
N ASP A 270 -21.55 -7.80 21.52
CA ASP A 270 -22.64 -6.98 22.02
C ASP A 270 -22.45 -5.53 21.59
N GLU A 271 -23.58 -4.85 21.35
CA GLU A 271 -23.54 -3.50 20.78
C GLU A 271 -22.98 -2.48 21.76
N ASP A 272 -22.96 -2.77 23.06
CA ASP A 272 -22.33 -1.87 24.02
C ASP A 272 -20.85 -1.66 23.72
N VAL A 273 -20.19 -2.70 23.20
CA VAL A 273 -18.76 -2.67 22.89
C VAL A 273 -18.50 -2.76 21.38
N ARG A 274 -19.55 -2.87 20.56
CA ARG A 274 -19.37 -3.10 19.14
C ARG A 274 -18.80 -1.87 18.44
N VAL A 275 -17.84 -2.11 17.56
CA VAL A 275 -17.25 -1.09 16.70
C VAL A 275 -17.39 -1.61 15.27
N LYS A 276 -18.01 -0.81 14.39
CA LYS A 276 -18.41 -1.33 13.10
C LYS A 276 -17.63 -0.80 11.91
N THR A 277 -17.00 0.38 12.01
CA THR A 277 -16.30 0.93 10.86
C THR A 277 -14.79 0.95 11.04
N LEU A 278 -14.26 0.36 12.11
CA LEU A 278 -12.82 0.35 12.36
C LEU A 278 -12.24 -1.01 12.02
N SER A 279 -11.21 -1.02 11.18
CA SER A 279 -10.35 -2.18 11.07
C SER A 279 -9.42 -2.22 12.29
N ILE A 280 -8.80 -3.38 12.51
CA ILE A 280 -7.85 -3.50 13.61
C ILE A 280 -6.57 -4.21 13.16
N GLY A 281 -5.47 -3.85 13.80
CA GLY A 281 -4.21 -4.52 13.60
C GLY A 281 -3.53 -4.76 14.92
N VAL A 282 -2.70 -5.80 14.97
CA VAL A 282 -2.03 -6.20 16.19
C VAL A 282 -0.52 -6.23 15.93
N VAL A 283 0.24 -5.68 16.86
CA VAL A 283 1.68 -5.56 16.74
C VAL A 283 2.34 -6.55 17.70
N ILE A 284 3.16 -7.44 17.17
CA ILE A 284 3.66 -8.60 17.90
C ILE A 284 5.18 -8.60 17.94
N PRO A 285 5.80 -8.27 19.07
CA PRO A 285 7.26 -8.40 19.17
C PRO A 285 7.67 -9.86 19.25
N ASP A 286 8.95 -10.12 19.02
CA ASP A 286 9.47 -11.49 19.03
C ASP A 286 9.18 -12.17 20.36
N LYS A 287 9.30 -11.43 21.47
CA LYS A 287 9.12 -12.04 22.79
C LYS A 287 7.77 -12.73 22.92
N PHE A 288 6.73 -12.21 22.27
CA PHE A 288 5.43 -12.89 22.35
C PHE A 288 5.44 -14.23 21.62
N VAL A 289 6.06 -14.26 20.45
CA VAL A 289 6.13 -15.51 19.68
C VAL A 289 6.88 -16.57 20.45
N GLU A 290 7.94 -16.18 21.15
CA GLU A 290 8.69 -17.14 21.96
C GLU A 290 7.83 -17.67 23.10
N LEU A 291 7.12 -16.77 23.81
CA LEU A 291 6.24 -17.20 24.88
C LEU A 291 5.16 -18.14 24.38
N ALA A 292 4.63 -17.87 23.19
CA ALA A 292 3.60 -18.74 22.62
C ALA A 292 4.15 -20.11 22.27
N ARG A 293 5.33 -20.15 21.63
CA ARG A 293 5.95 -21.43 21.28
C ARG A 293 6.19 -22.28 22.53
N GLU A 294 6.75 -21.68 23.58
CA GLU A 294 7.08 -22.39 24.80
C GLU A 294 5.85 -22.77 25.61
N ASP A 295 4.66 -22.33 25.20
CA ASP A 295 3.42 -22.58 25.94
C ASP A 295 3.56 -22.17 27.40
N LYS A 296 4.28 -21.07 27.63
CA LYS A 296 4.46 -20.50 28.95
C LYS A 296 3.47 -19.36 29.16
N ALA A 297 2.83 -19.34 30.33
CA ALA A 297 1.95 -18.23 30.68
C ALA A 297 2.67 -16.90 30.51
N ALA A 298 2.05 -15.99 29.76
CA ALA A 298 2.63 -14.67 29.50
C ALA A 298 1.90 -13.61 30.30
N TYR A 299 2.50 -12.42 30.35
CA TYR A 299 1.92 -11.25 31.00
C TYR A 299 1.68 -10.15 29.99
N VAL A 300 0.57 -9.44 30.17
CA VAL A 300 0.30 -8.18 29.48
C VAL A 300 0.28 -7.09 30.54
N PHE A 301 0.54 -5.86 30.14
CA PHE A 301 0.90 -4.80 31.07
C PHE A 301 -0.05 -3.61 30.98
N TYR A 302 -0.24 -2.96 32.12
CA TYR A 302 -0.91 -1.67 32.25
C TYR A 302 0.09 -0.57 31.89
N PRO A 303 -0.05 0.08 30.73
CA PRO A 303 1.05 0.92 30.23
C PRO A 303 1.35 2.15 31.08
N HIS A 304 0.38 2.67 31.83
CA HIS A 304 0.65 3.88 32.59
C HIS A 304 1.52 3.60 33.82
N THR A 305 1.37 2.43 34.44
CA THR A 305 2.28 2.08 35.54
C THR A 305 3.71 1.96 35.03
N ILE A 306 3.88 1.48 33.79
CA ILE A 306 5.21 1.48 33.19
C ILE A 306 5.70 2.91 32.94
N TYR A 307 4.80 3.78 32.50
CA TYR A 307 5.19 5.17 32.27
C TYR A 307 5.58 5.85 33.58
N LYS A 308 4.79 5.68 34.64
CA LYS A 308 5.09 6.29 35.92
C LYS A 308 6.37 5.75 36.54
N GLU A 309 6.81 4.55 36.18
CA GLU A 309 8.01 3.96 36.75
C GLU A 309 9.25 4.30 35.95
N TYR A 310 9.19 4.12 34.63
CA TYR A 310 10.34 4.28 33.75
C TYR A 310 10.37 5.63 33.05
N GLY A 311 9.31 6.43 33.15
CA GLY A 311 9.32 7.72 32.50
C GLY A 311 9.20 7.66 31.00
N GLN A 312 8.96 6.48 30.43
CA GLN A 312 8.85 6.30 29.00
C GLN A 312 7.58 5.50 28.71
N HIS A 313 7.03 5.74 27.51
CA HIS A 313 5.93 4.90 27.03
C HIS A 313 6.41 3.47 26.83
N MET A 314 5.64 2.51 27.33
CA MET A 314 5.91 1.10 27.00
C MET A 314 6.11 0.93 25.51
N ASP A 315 5.37 1.69 24.70
CA ASP A 315 5.43 1.61 23.25
C ASP A 315 6.79 2.01 22.70
N GLU A 316 7.58 2.79 23.46
CA GLU A 316 8.88 3.28 23.02
C GLU A 316 10.05 2.51 23.65
N MET A 317 9.79 1.41 24.34
CA MET A 317 10.83 0.61 24.95
C MET A 317 10.89 -0.76 24.30
N ASP A 318 12.03 -1.43 24.46
CA ASP A 318 12.31 -2.69 23.79
C ASP A 318 11.78 -3.82 24.66
N MET A 319 10.65 -4.42 24.24
CA MET A 319 10.00 -5.44 25.06
C MET A 319 10.85 -6.70 25.17
N ASN A 320 11.67 -6.99 24.16
CA ASN A 320 12.57 -8.14 24.26
C ASN A 320 13.61 -7.95 25.36
N GLU A 321 14.04 -6.71 25.60
CA GLU A 321 14.95 -6.43 26.69
C GLU A 321 14.24 -6.25 28.03
N MET A 322 13.02 -5.73 28.02
CA MET A 322 12.40 -5.23 29.25
C MET A 322 11.36 -6.17 29.86
N TYR A 323 10.94 -7.21 29.13
CA TYR A 323 9.82 -8.04 29.58
C TYR A 323 10.05 -8.60 30.99
N ASP A 324 11.18 -9.26 31.21
CA ASP A 324 11.43 -9.83 32.54
C ASP A 324 11.54 -8.74 33.61
N LYS A 325 12.12 -7.59 33.27
CA LYS A 325 12.22 -6.50 34.24
C LYS A 325 10.85 -5.92 34.57
N PHE A 326 9.97 -5.81 33.57
CA PHE A 326 8.59 -5.39 33.82
C PHE A 326 7.89 -6.39 34.75
N VAL A 327 8.12 -7.68 34.53
CA VAL A 327 7.46 -8.70 35.34
C VAL A 327 7.92 -8.63 36.79
N ASP A 328 9.22 -8.44 37.01
CA ASP A 328 9.76 -8.41 38.37
C ASP A 328 9.52 -7.08 39.08
N ASN A 329 9.27 -6.00 38.35
CA ASN A 329 9.12 -4.70 39.00
C ASN A 329 7.78 -4.65 39.74
N PRO A 330 7.77 -4.53 41.07
CA PRO A 330 6.50 -4.56 41.80
C PRO A 330 5.62 -3.35 41.57
N ARG A 331 6.18 -2.24 41.09
CA ARG A 331 5.37 -1.07 40.78
C ARG A 331 4.78 -1.11 39.37
N VAL A 332 5.10 -2.13 38.59
CA VAL A 332 4.47 -2.36 37.29
C VAL A 332 3.34 -3.35 37.49
N LYS A 333 2.15 -2.98 37.02
CA LYS A 333 0.98 -3.83 37.12
C LYS A 333 0.79 -4.61 35.82
N LYS A 334 0.45 -5.90 35.93
CA LYS A 334 0.27 -6.77 34.78
C LYS A 334 -0.86 -7.76 35.02
N GLU A 335 -1.18 -8.52 33.95
CA GLU A 335 -2.16 -9.59 33.96
C GLU A 335 -1.60 -10.80 33.25
N LYS A 336 -1.99 -11.97 33.71
CA LYS A 336 -1.60 -13.22 33.08
C LYS A 336 -2.56 -13.56 31.96
N ILE A 337 -2.02 -14.02 30.83
CA ILE A 337 -2.82 -14.51 29.73
C ILE A 337 -2.22 -15.83 29.22
N ASN A 338 -2.96 -16.48 28.33
CA ASN A 338 -2.50 -17.67 27.63
C ASN A 338 -2.06 -17.27 26.23
N PRO A 339 -0.75 -17.27 25.93
CA PRO A 339 -0.32 -16.77 24.60
C PRO A 339 -0.78 -17.65 23.45
N ARG A 340 -0.81 -18.96 23.63
CA ARG A 340 -1.28 -19.84 22.57
C ARG A 340 -2.75 -19.55 22.24
N LYS A 341 -3.58 -19.42 23.28
CA LYS A 341 -5.01 -19.18 23.05
C LYS A 341 -5.23 -17.80 22.43
N LEU A 342 -4.43 -16.80 22.83
CA LEU A 342 -4.50 -15.50 22.18
C LEU A 342 -4.09 -15.61 20.71
N LEU A 343 -3.07 -16.41 20.42
CA LEU A 343 -2.69 -16.59 19.03
C LEU A 343 -3.80 -17.26 18.25
N GLU A 344 -4.44 -18.27 18.85
CA GLU A 344 -5.59 -18.92 18.23
C GLU A 344 -6.72 -17.92 17.97
N LYS A 345 -6.97 -17.02 18.94
CA LYS A 345 -8.04 -16.04 18.76
C LYS A 345 -7.76 -15.13 17.58
N LEU A 346 -6.48 -14.77 17.35
CA LEU A 346 -6.13 -13.97 16.19
C LEU A 346 -6.44 -14.71 14.89
N ALA A 347 -6.28 -16.04 14.87
CA ALA A 347 -6.63 -16.79 13.68
C ALA A 347 -8.14 -16.81 13.45
N MET A 348 -8.92 -17.03 14.51
CA MET A 348 -10.38 -17.02 14.39
C MET A 348 -10.87 -15.69 13.83
N LEU A 349 -10.41 -14.57 14.40
CA LEU A 349 -10.92 -13.27 13.98
C LEU A 349 -10.59 -12.97 12.53
N ARG A 350 -9.40 -13.38 12.07
CA ARG A 350 -9.04 -13.15 10.68
C ARG A 350 -9.86 -14.01 9.71
N SER A 351 -10.27 -15.21 10.14
CA SER A 351 -11.24 -15.97 9.36
C SER A 351 -12.56 -15.23 9.22
N GLU A 352 -12.94 -14.47 10.25
CA GLU A 352 -14.19 -13.73 10.19
C GLU A 352 -14.09 -12.54 9.26
N SER A 353 -13.05 -11.71 9.44
CA SER A 353 -13.04 -10.38 8.83
C SER A 353 -11.83 -10.06 7.98
N GLY A 354 -10.92 -11.00 7.74
CA GLY A 354 -9.69 -10.67 7.04
C GLY A 354 -8.61 -10.16 7.99
N TYR A 355 -8.82 -8.96 8.53
CA TYR A 355 -8.03 -8.46 9.64
C TYR A 355 -8.48 -9.18 10.92
N PRO A 356 -7.79 -9.00 12.07
CA PRO A 356 -6.64 -8.16 12.43
C PRO A 356 -5.44 -8.31 11.52
N TYR A 357 -4.97 -7.19 10.97
CA TYR A 357 -3.66 -7.18 10.34
C TYR A 357 -2.62 -7.51 11.39
N ILE A 358 -1.80 -8.51 11.11
CA ILE A 358 -0.76 -8.92 12.04
C ILE A 358 0.58 -8.34 11.59
N MET A 359 1.27 -7.67 12.49
CA MET A 359 2.59 -7.09 12.20
C MET A 359 3.61 -7.73 13.13
N PHE A 360 4.64 -8.33 12.53
CA PHE A 360 5.75 -8.89 13.32
C PHE A 360 6.78 -7.78 13.48
N GLN A 361 6.74 -7.11 14.63
CA GLN A 361 7.44 -5.84 14.79
C GLN A 361 8.94 -6.00 14.62
N ASP A 362 9.52 -7.08 15.13
CA ASP A 362 10.96 -7.24 15.04
C ASP A 362 11.40 -7.63 13.64
N ASN A 363 10.52 -8.25 12.87
CA ASN A 363 10.82 -8.49 11.46
C ASN A 363 10.84 -7.19 10.67
N VAL A 364 10.13 -6.17 11.15
CA VAL A 364 10.19 -4.85 10.54
C VAL A 364 11.47 -4.14 10.91
N ASN A 365 11.79 -4.11 12.19
CA ASN A 365 12.86 -3.25 12.69
C ASN A 365 14.23 -3.88 12.60
N LYS A 366 14.33 -5.22 12.53
CA LYS A 366 15.60 -5.87 12.22
C LYS A 366 16.26 -5.28 10.99
N VAL A 367 15.48 -4.89 9.97
CA VAL A 367 16.00 -4.38 8.71
C VAL A 367 15.54 -2.95 8.46
N HIS A 368 15.08 -2.28 9.50
CA HIS A 368 14.63 -0.90 9.38
C HIS A 368 15.82 0.04 9.30
N ALA A 369 15.76 1.01 8.41
CA ALA A 369 16.88 1.91 8.21
C ALA A 369 16.90 3.10 9.17
N ASN A 370 15.76 3.52 9.72
CA ASN A 370 15.69 4.75 10.52
C ASN A 370 15.26 4.50 11.96
N ASN A 371 15.75 3.42 12.58
CA ASN A 371 15.46 3.22 14.01
C ASN A 371 15.90 4.41 14.85
N HIS A 372 16.90 5.17 14.37
CA HIS A 372 17.35 6.36 15.09
C HIS A 372 16.25 7.41 15.22
N ILE A 373 15.29 7.41 14.30
CA ILE A 373 14.13 8.29 14.43
C ILE A 373 13.09 7.65 15.37
N SER A 374 12.76 6.38 15.15
CA SER A 374 11.96 5.54 16.05
C SER A 374 11.90 4.14 15.47
N LYS A 375 11.55 3.17 16.33
CA LYS A 375 11.12 1.87 15.82
C LYS A 375 9.80 2.03 15.09
N VAL A 376 9.53 1.14 14.15
CA VAL A 376 8.21 1.11 13.53
C VAL A 376 7.25 0.47 14.52
N LYS A 377 6.15 1.16 14.80
CA LYS A 377 5.25 0.74 15.88
C LYS A 377 3.89 0.24 15.40
N PHE A 378 3.50 0.51 14.16
CA PHE A 378 2.19 0.12 13.65
C PHE A 378 2.18 0.33 12.14
N SER A 379 1.03 0.07 11.51
CA SER A 379 0.93 0.16 10.05
C SER A 379 -0.44 0.72 9.69
N ASN A 380 -0.81 0.62 8.42
CA ASN A 380 -2.00 1.27 7.89
C ASN A 380 -3.07 0.23 7.57
N LEU A 381 -4.17 0.70 6.96
CA LEU A 381 -5.16 -0.20 6.39
C LEU A 381 -4.51 -1.09 5.34
N CYS A 382 -4.64 -2.41 5.52
CA CYS A 382 -4.04 -3.44 4.67
C CYS A 382 -2.52 -3.50 4.79
N SER A 383 -1.93 -2.73 5.69
CA SER A 383 -0.66 -3.05 6.37
C SER A 383 0.52 -3.25 5.42
N GLU A 384 0.78 -2.28 4.54
CA GLU A 384 2.04 -2.28 3.81
C GLU A 384 2.95 -1.11 4.14
N VAL A 385 2.47 -0.07 4.82
CA VAL A 385 3.27 1.11 5.11
C VAL A 385 3.95 0.91 6.46
N LEU A 386 5.28 1.01 6.48
CA LEU A 386 6.08 0.71 7.67
C LEU A 386 7.14 1.80 7.80
N GLN A 387 6.84 2.84 8.56
CA GLN A 387 7.71 3.99 8.70
C GLN A 387 7.80 4.38 10.17
N ALA A 388 8.87 5.08 10.52
CA ALA A 388 9.04 5.64 11.85
C ALA A 388 7.99 6.71 12.13
N SER A 389 7.76 6.97 13.42
CA SER A 389 6.79 7.97 13.82
C SER A 389 7.13 8.42 15.24
N GLN A 390 6.70 9.64 15.57
CA GLN A 390 6.91 10.19 16.90
C GLN A 390 5.64 10.89 17.36
N VAL A 391 5.21 10.59 18.58
CA VAL A 391 3.93 11.08 19.08
C VAL A 391 4.01 12.57 19.37
N SER A 392 2.92 13.27 19.05
CA SER A 392 2.77 14.67 19.41
C SER A 392 2.22 14.76 20.83
N SER A 393 2.21 15.98 21.37
CA SER A 393 1.43 16.25 22.57
C SER A 393 0.68 17.55 22.33
N TYR A 394 -0.62 17.44 22.16
CA TYR A 394 -1.49 18.60 21.99
C TYR A 394 -1.90 19.03 23.39
N THR A 395 -1.38 20.16 23.82
CA THR A 395 -1.53 20.62 25.19
C THR A 395 -2.80 21.45 25.32
N ASP A 396 -3.01 22.05 26.50
CA ASP A 396 -4.15 22.91 26.76
C ASP A 396 -4.26 24.01 25.72
N TYR A 397 -5.46 24.60 25.61
CA TYR A 397 -5.74 25.54 24.54
C TYR A 397 -4.77 26.72 24.53
N ASP A 398 -4.42 27.24 25.71
CA ASP A 398 -3.56 28.42 25.79
C ASP A 398 -2.07 28.11 25.64
N GLU A 399 -1.69 26.86 25.45
CA GLU A 399 -0.29 26.48 25.41
C GLU A 399 0.11 25.96 24.03
N GLU A 400 1.40 26.07 23.76
CA GLU A 400 1.93 25.58 22.50
C GLU A 400 1.88 24.06 22.48
N ASP A 401 1.58 23.50 21.32
CA ASP A 401 1.62 22.06 21.13
C ASP A 401 3.02 21.62 20.77
N GLU A 402 3.30 20.34 20.99
CA GLU A 402 4.54 19.72 20.55
C GLU A 402 4.21 18.82 19.36
N ILE A 403 4.63 19.22 18.18
CA ILE A 403 4.27 18.53 16.95
C ILE A 403 5.30 17.44 16.67
N GLY A 404 4.83 16.20 16.57
CA GLY A 404 5.68 15.06 16.28
C GLY A 404 5.69 14.71 14.80
N LEU A 405 5.75 13.42 14.51
CA LEU A 405 5.80 12.92 13.15
C LEU A 405 4.74 11.83 12.99
N ASP A 406 3.68 12.14 12.26
CA ASP A 406 2.75 11.10 11.82
C ASP A 406 3.26 10.58 10.47
N ILE A 407 2.43 9.86 9.72
CA ILE A 407 2.86 9.26 8.47
C ILE A 407 1.76 9.44 7.42
N SER A 408 2.17 9.81 6.22
CA SER A 408 1.32 9.67 5.04
C SER A 408 2.17 9.05 3.96
N CYS A 409 1.56 8.24 3.10
CA CYS A 409 2.38 7.71 2.02
C CYS A 409 1.66 7.77 0.68
N ASN A 410 2.46 8.10 -0.32
CA ASN A 410 2.04 8.33 -1.68
C ASN A 410 2.45 7.12 -2.50
N LEU A 411 1.48 6.52 -3.21
CA LEU A 411 1.63 5.17 -3.73
C LEU A 411 1.60 5.15 -5.25
N GLY A 412 2.28 4.15 -5.81
CA GLY A 412 2.16 3.78 -7.20
C GLY A 412 2.75 2.40 -7.37
N SER A 413 2.42 1.76 -8.50
CA SER A 413 2.98 0.45 -8.78
C SER A 413 3.40 0.34 -10.24
N LEU A 414 4.62 -0.14 -10.47
CA LEU A 414 4.99 -0.48 -11.82
C LEU A 414 4.32 -1.78 -12.23
N ASN A 415 4.22 -2.00 -13.54
CA ASN A 415 3.59 -3.19 -14.10
C ASN A 415 4.69 -4.10 -14.61
N ILE A 416 4.89 -5.25 -13.93
CA ILE A 416 6.10 -6.04 -14.13
C ILE A 416 6.20 -6.50 -15.58
N LEU A 417 5.10 -6.99 -16.15
CA LEU A 417 5.12 -7.54 -17.50
C LEU A 417 5.64 -6.51 -18.51
N ASN A 418 5.07 -5.31 -18.50
CA ASN A 418 5.44 -4.30 -19.47
C ASN A 418 6.83 -3.74 -19.19
N VAL A 419 7.26 -3.75 -17.93
CA VAL A 419 8.61 -3.31 -17.61
C VAL A 419 9.63 -4.33 -18.13
N MET A 420 9.33 -5.62 -17.99
CA MET A 420 10.22 -6.66 -18.51
C MET A 420 10.26 -6.64 -20.03
N GLU A 421 9.10 -6.51 -20.69
CA GLU A 421 9.11 -6.53 -22.15
C GLU A 421 9.73 -5.27 -22.73
N HIS A 422 9.56 -4.12 -22.07
CA HIS A 422 10.25 -2.91 -22.52
C HIS A 422 11.68 -2.82 -22.02
N LYS A 423 12.12 -3.77 -21.19
CA LYS A 423 13.47 -3.76 -20.62
C LYS A 423 13.79 -2.40 -19.99
N SER A 424 12.88 -1.92 -19.16
CA SER A 424 12.91 -0.56 -18.64
C SER A 424 12.83 -0.53 -17.11
N ILE A 425 13.47 -1.49 -16.43
CA ILE A 425 13.44 -1.48 -14.97
C ILE A 425 14.02 -0.18 -14.44
N GLU A 426 15.18 0.24 -14.95
CA GLU A 426 15.78 1.48 -14.47
C GLU A 426 14.91 2.70 -14.78
N LYS A 427 14.51 2.87 -16.04
CA LYS A 427 13.79 4.08 -16.44
C LYS A 427 12.46 4.19 -15.72
N THR A 428 11.72 3.09 -15.60
CA THR A 428 10.44 3.13 -14.90
C THR A 428 10.63 3.50 -13.43
N VAL A 429 11.58 2.84 -12.75
CA VAL A 429 11.76 3.06 -11.32
C VAL A 429 12.14 4.50 -11.04
N LYS A 430 13.07 5.06 -11.84
CA LYS A 430 13.50 6.43 -11.59
C LYS A 430 12.41 7.42 -11.93
N LEU A 431 11.68 7.19 -13.01
CA LEU A 431 10.61 8.10 -13.41
C LEU A 431 9.43 8.05 -12.46
N ALA A 432 9.04 6.85 -12.03
CA ALA A 432 7.94 6.74 -11.06
C ALA A 432 8.29 7.43 -9.75
N THR A 433 9.56 7.33 -9.34
CA THR A 433 10.02 8.03 -8.15
C THR A 433 9.85 9.54 -8.30
N ASP A 434 10.28 10.09 -9.44
CA ASP A 434 10.09 11.52 -9.70
C ASP A 434 8.62 11.92 -9.52
N SER A 435 7.69 11.07 -9.98
CA SER A 435 6.28 11.43 -9.89
C SER A 435 5.79 11.37 -8.44
N LEU A 436 6.12 10.30 -7.72
CA LEU A 436 5.75 10.20 -6.32
C LEU A 436 6.38 11.32 -5.51
N THR A 437 7.59 11.74 -5.88
CA THR A 437 8.21 12.89 -5.21
C THR A 437 7.44 14.18 -5.49
N HIS A 438 6.88 14.32 -6.70
CA HIS A 438 6.11 15.53 -7.00
C HIS A 438 4.80 15.55 -6.21
N VAL A 439 4.12 14.40 -6.11
CA VAL A 439 2.90 14.34 -5.30
C VAL A 439 3.21 14.67 -3.85
N SER A 440 4.36 14.22 -3.35
CA SER A 440 4.70 14.50 -1.96
C SER A 440 4.92 16.00 -1.74
N GLU A 441 5.56 16.67 -2.70
CA GLU A 441 5.86 18.08 -2.54
C GLU A 441 4.68 19.01 -2.81
N THR A 442 3.66 18.55 -3.53
CA THR A 442 2.48 19.36 -3.75
C THR A 442 1.37 19.10 -2.73
N THR A 443 1.61 18.22 -1.76
CA THR A 443 0.64 17.95 -0.69
C THR A 443 0.90 18.92 0.46
N ASP A 444 -0.12 19.67 0.85
CA ASP A 444 -0.11 20.40 2.12
C ASP A 444 -1.43 20.11 2.81
N ILE A 445 -1.40 19.20 3.76
CA ILE A 445 -2.60 18.85 4.52
C ILE A 445 -2.78 19.90 5.61
N ARG A 446 -3.98 20.48 5.66
CA ARG A 446 -4.31 21.36 6.76
C ARG A 446 -4.99 20.52 7.84
N ASN A 447 -4.99 21.05 9.07
CA ASN A 447 -5.69 20.45 10.19
C ASN A 447 -5.12 19.08 10.58
N ALA A 448 -3.91 18.77 10.14
CA ALA A 448 -3.18 17.58 10.60
C ALA A 448 -1.71 17.93 10.73
N PRO A 449 -1.36 18.72 11.75
CA PRO A 449 -0.01 19.32 11.78
C PRO A 449 1.14 18.33 11.79
N ALA A 450 0.99 17.15 12.38
CA ALA A 450 2.09 16.19 12.41
C ALA A 450 2.18 15.41 11.11
N VAL A 451 1.06 15.22 10.42
CA VAL A 451 1.10 14.68 9.06
C VAL A 451 1.84 15.66 8.15
N ARG A 452 1.48 16.94 8.25
CA ARG A 452 2.11 17.94 7.40
C ARG A 452 3.60 18.06 7.69
N ARG A 453 3.95 18.11 8.99
CA ARG A 453 5.35 18.21 9.36
C ARG A 453 6.14 16.99 8.89
N ALA A 454 5.58 15.79 9.03
CA ALA A 454 6.31 14.58 8.65
C ALA A 454 6.50 14.48 7.14
N ASN A 455 5.51 14.93 6.36
CA ASN A 455 5.63 14.80 4.91
C ASN A 455 6.79 15.64 4.38
N LYS A 456 6.98 16.84 4.94
CA LYS A 456 8.12 17.66 4.53
C LYS A 456 9.43 17.10 5.08
N ALA A 457 9.43 16.65 6.33
CA ALA A 457 10.68 16.19 6.94
C ALA A 457 11.13 14.83 6.41
N MET A 458 10.18 13.90 6.22
CA MET A 458 10.52 12.53 5.90
C MET A 458 10.50 12.25 4.40
N LYS A 459 9.68 12.96 3.64
CA LYS A 459 9.65 12.87 2.17
C LYS A 459 9.48 11.44 1.68
N SER A 460 8.68 10.65 2.40
CA SER A 460 8.57 9.23 2.10
C SER A 460 7.62 8.98 0.94
N ILE A 461 7.92 7.95 0.16
CA ILE A 461 7.09 7.52 -0.95
C ILE A 461 6.95 6.00 -0.89
N GLY A 462 6.02 5.47 -1.68
CA GLY A 462 5.80 4.03 -1.69
C GLY A 462 5.56 3.45 -3.08
N LEU A 463 6.64 3.05 -3.74
CA LEU A 463 6.56 2.45 -5.07
C LEU A 463 6.41 0.94 -4.95
N GLY A 464 5.45 0.38 -5.69
CA GLY A 464 5.15 -1.03 -5.61
C GLY A 464 5.17 -1.72 -6.96
N ALA A 465 4.55 -2.89 -7.05
CA ALA A 465 4.58 -3.67 -8.27
C ALA A 465 3.29 -4.47 -8.38
N MET A 466 2.83 -4.65 -9.61
CA MET A 466 1.69 -5.50 -9.89
C MET A 466 2.02 -6.41 -11.07
N ASN A 467 1.13 -7.38 -11.30
CA ASN A 467 1.22 -8.30 -12.43
C ASN A 467 2.35 -9.33 -12.27
N LEU A 468 2.69 -9.68 -11.03
CA LEU A 468 3.72 -10.69 -10.82
C LEU A 468 3.27 -12.05 -11.33
N HIS A 469 2.10 -12.52 -10.87
CA HIS A 469 1.63 -13.83 -11.31
C HIS A 469 1.37 -13.84 -12.81
N GLY A 470 0.68 -12.81 -13.32
CA GLY A 470 0.42 -12.73 -14.75
C GLY A 470 1.67 -12.83 -15.60
N TYR A 471 2.70 -12.06 -15.24
CA TYR A 471 3.96 -12.14 -15.98
C TYR A 471 4.59 -13.52 -15.87
N LEU A 472 4.59 -14.11 -14.68
CA LEU A 472 5.18 -15.44 -14.52
C LEU A 472 4.42 -16.47 -15.36
N ALA A 473 3.09 -16.47 -15.25
CA ALA A 473 2.27 -17.48 -15.91
C ALA A 473 2.36 -17.37 -17.44
N GLN A 474 2.61 -16.17 -17.97
CA GLN A 474 2.72 -15.98 -19.41
C GLN A 474 4.11 -16.27 -19.94
N ASN A 475 5.08 -16.53 -19.06
CA ASN A 475 6.42 -16.97 -19.47
C ASN A 475 6.72 -18.38 -18.99
N GLY A 476 5.70 -19.19 -18.75
CA GLY A 476 5.88 -20.59 -18.40
C GLY A 476 6.52 -20.85 -17.05
N ILE A 477 6.19 -20.04 -16.04
CA ILE A 477 6.75 -20.18 -14.70
C ILE A 477 5.62 -20.25 -13.68
N ALA A 478 5.64 -21.29 -12.85
CA ALA A 478 4.63 -21.46 -11.83
C ALA A 478 4.92 -20.56 -10.64
N TYR A 479 3.88 -19.95 -10.08
CA TYR A 479 4.02 -19.02 -8.97
C TYR A 479 4.77 -19.65 -7.80
N GLU A 480 4.57 -20.95 -7.57
CA GLU A 480 5.16 -21.63 -6.42
C GLU A 480 6.54 -22.22 -6.70
N SER A 481 7.06 -22.09 -7.92
CA SER A 481 8.31 -22.74 -8.27
C SER A 481 9.49 -21.99 -7.66
N PRO A 482 10.63 -22.66 -7.51
CA PRO A 482 11.86 -21.94 -7.15
C PRO A 482 12.35 -21.02 -8.25
N GLU A 483 11.97 -21.26 -9.51
CA GLU A 483 12.30 -20.31 -10.58
C GLU A 483 11.57 -18.99 -10.38
N ALA A 484 10.29 -19.05 -9.98
CA ALA A 484 9.53 -17.82 -9.72
C ALA A 484 10.21 -16.99 -8.64
N ARG A 485 10.63 -17.65 -7.54
CA ARG A 485 11.37 -16.94 -6.49
C ARG A 485 12.68 -16.37 -7.02
N ASP A 486 13.34 -17.10 -7.94
CA ASP A 486 14.59 -16.65 -8.52
C ASP A 486 14.39 -15.39 -9.35
N PHE A 487 13.29 -15.33 -10.11
CA PHE A 487 12.99 -14.10 -10.84
C PHE A 487 12.69 -12.95 -9.88
N ALA A 488 11.83 -13.20 -8.89
CA ALA A 488 11.43 -12.14 -7.95
C ALA A 488 12.64 -11.60 -7.18
N ASN A 489 13.52 -12.50 -6.74
CA ASN A 489 14.72 -12.07 -6.04
C ASN A 489 15.49 -11.04 -6.86
N THR A 490 15.73 -11.36 -8.15
CA THR A 490 16.53 -10.48 -8.98
C THR A 490 15.78 -9.20 -9.33
N PHE A 491 14.52 -9.34 -9.76
CA PHE A 491 13.75 -8.18 -10.20
C PHE A 491 13.68 -7.12 -9.11
N PHE A 492 13.33 -7.52 -7.88
CA PHE A 492 13.14 -6.52 -6.85
C PHE A 492 14.46 -6.02 -6.28
N MET A 493 15.51 -6.84 -6.32
CA MET A 493 16.84 -6.29 -6.07
C MET A 493 17.12 -5.13 -7.03
N MET A 494 16.77 -5.29 -8.31
CA MET A 494 17.03 -4.23 -9.27
C MET A 494 16.17 -3.01 -8.99
N VAL A 495 14.87 -3.22 -8.72
CA VAL A 495 13.99 -2.13 -8.32
C VAL A 495 14.61 -1.35 -7.15
N ASN A 496 15.12 -2.07 -6.15
CA ASN A 496 15.66 -1.39 -4.98
C ASN A 496 16.93 -0.64 -5.34
N PHE A 497 17.79 -1.24 -6.16
CA PHE A 497 19.02 -0.58 -6.60
C PHE A 497 18.72 0.77 -7.25
N TYR A 498 17.88 0.78 -8.29
CA TYR A 498 17.64 2.02 -9.02
C TYR A 498 16.80 2.99 -8.20
N SER A 499 15.98 2.50 -7.27
CA SER A 499 15.25 3.38 -6.37
C SER A 499 16.22 4.16 -5.48
N ILE A 500 17.10 3.45 -4.77
CA ILE A 500 18.13 4.09 -3.96
C ILE A 500 18.96 5.06 -4.79
N GLN A 501 19.34 4.64 -6.00
CA GLN A 501 20.17 5.48 -6.86
C GLN A 501 19.45 6.77 -7.24
N ARG A 502 18.16 6.68 -7.60
CA ARG A 502 17.43 7.89 -7.96
C ARG A 502 17.21 8.79 -6.76
N SER A 503 17.05 8.20 -5.57
CA SER A 503 16.87 9.02 -4.38
C SER A 503 18.14 9.80 -4.07
N ALA A 504 19.29 9.16 -4.27
CA ALA A 504 20.56 9.85 -4.08
C ALA A 504 20.79 10.89 -5.16
N GLU A 505 20.40 10.58 -6.41
CA GLU A 505 20.52 11.57 -7.49
C GLU A 505 19.72 12.83 -7.15
N ILE A 506 18.48 12.65 -6.69
CA ILE A 506 17.64 13.79 -6.31
C ILE A 506 18.27 14.54 -5.14
N ALA A 507 18.95 13.81 -4.24
CA ALA A 507 19.60 14.46 -3.10
C ALA A 507 20.78 15.31 -3.56
N LYS A 508 21.56 14.82 -4.53
CA LYS A 508 22.64 15.61 -5.09
C LYS A 508 22.08 16.80 -5.87
N GLU A 509 21.07 16.56 -6.70
CA GLU A 509 20.50 17.63 -7.52
C GLU A 509 19.93 18.75 -6.66
N LYS A 510 19.21 18.42 -5.60
CA LYS A 510 18.59 19.42 -4.75
C LYS A 510 19.47 19.87 -3.59
N GLY A 511 20.55 19.17 -3.30
CA GLY A 511 21.36 19.50 -2.14
C GLY A 511 20.67 19.30 -0.81
N GLU A 512 19.66 18.44 -0.75
CA GLU A 512 18.95 18.16 0.49
C GLU A 512 18.87 16.66 0.70
N THR A 513 18.77 16.29 1.97
CA THR A 513 18.38 14.95 2.39
C THR A 513 17.13 15.08 3.25
N PHE A 514 16.49 13.94 3.53
CA PHE A 514 15.41 13.99 4.50
C PHE A 514 15.99 14.28 5.89
N ASP A 515 15.16 14.84 6.75
CA ASP A 515 15.65 15.33 8.04
C ASP A 515 16.25 14.18 8.85
N GLN A 516 17.44 14.42 9.39
CA GLN A 516 18.18 13.46 10.22
C GLN A 516 18.57 12.22 9.43
N TYR A 517 18.81 12.39 8.12
CA TYR A 517 19.24 11.29 7.29
C TYR A 517 20.54 10.67 7.79
N GLU A 518 21.45 11.50 8.32
CA GLU A 518 22.78 10.99 8.64
C GLU A 518 22.78 10.02 9.80
N GLY A 519 21.66 9.87 10.51
CA GLY A 519 21.56 8.82 11.50
C GLY A 519 21.09 7.48 10.97
N SER A 520 20.70 7.42 9.69
CA SER A 520 20.15 6.20 9.12
C SER A 520 21.25 5.22 8.73
N THR A 521 20.84 3.95 8.55
CA THR A 521 21.79 2.94 8.09
C THR A 521 22.22 3.16 6.65
N TYR A 522 21.50 4.00 5.90
CA TYR A 522 22.00 4.43 4.59
C TYR A 522 23.30 5.23 4.76
N ALA A 523 23.32 6.15 5.73
CA ALA A 523 24.49 6.99 5.93
C ALA A 523 25.63 6.24 6.60
N THR A 524 25.34 5.42 7.62
CA THR A 524 26.43 4.69 8.26
C THR A 524 26.88 3.48 7.44
N GLY A 525 26.10 3.05 6.45
CA GLY A 525 26.56 2.12 5.45
C GLY A 525 26.13 0.68 5.64
N GLU A 526 25.68 0.29 6.84
CA GLU A 526 25.33 -1.10 7.05
C GLU A 526 24.08 -1.53 6.31
N TYR A 527 23.29 -0.58 5.79
CA TYR A 527 22.17 -0.97 4.92
C TYR A 527 22.64 -1.83 3.76
N PHE A 528 23.84 -1.57 3.25
CA PHE A 528 24.31 -2.14 1.99
C PHE A 528 25.09 -3.45 2.17
N ASP A 529 25.21 -3.93 3.41
CA ASP A 529 26.12 -5.04 3.71
C ASP A 529 25.84 -6.27 2.85
N LYS A 530 24.57 -6.69 2.77
CA LYS A 530 24.29 -7.90 1.99
C LYS A 530 24.47 -7.66 0.50
N TYR A 531 24.30 -6.41 0.03
CA TYR A 531 24.41 -6.14 -1.39
C TYR A 531 25.85 -6.03 -1.87
N VAL A 532 26.80 -5.78 -0.98
CA VAL A 532 28.20 -5.74 -1.38
C VAL A 532 28.90 -7.09 -1.17
N SER A 533 28.25 -8.05 -0.54
CA SER A 533 28.85 -9.37 -0.32
C SER A 533 28.09 -10.51 -0.99
N THR A 534 26.86 -10.31 -1.41
CA THR A 534 26.03 -11.36 -1.99
C THR A 534 25.56 -10.93 -3.37
N ASP A 535 25.59 -11.86 -4.31
CA ASP A 535 25.12 -11.62 -5.66
C ASP A 535 23.66 -12.04 -5.81
N PHE A 536 22.88 -11.22 -6.51
CA PHE A 536 21.44 -11.46 -6.66
C PHE A 536 21.04 -11.61 -8.13
N SER A 537 21.99 -12.03 -8.98
CA SER A 537 21.68 -12.39 -10.35
C SER A 537 21.09 -13.81 -10.39
N PRO A 538 20.26 -14.10 -11.37
CA PRO A 538 19.49 -15.35 -11.34
C PRO A 538 20.37 -16.59 -11.24
N LYS A 539 19.93 -17.54 -10.40
CA LYS A 539 20.55 -18.86 -10.35
C LYS A 539 20.07 -19.78 -11.46
N TYR A 540 18.89 -19.54 -12.03
CA TYR A 540 18.32 -20.39 -13.06
C TYR A 540 18.53 -19.75 -14.43
N GLU A 541 18.97 -20.57 -15.39
CA GLU A 541 19.31 -20.04 -16.70
C GLU A 541 18.11 -19.42 -17.39
N LYS A 542 16.96 -20.10 -17.36
CA LYS A 542 15.79 -19.55 -18.06
C LYS A 542 15.31 -18.26 -17.43
N ILE A 543 15.60 -18.05 -16.15
CA ILE A 543 15.28 -16.77 -15.52
C ILE A 543 16.26 -15.70 -15.98
N ALA A 544 17.54 -16.05 -16.07
CA ALA A 544 18.54 -15.08 -16.53
C ALA A 544 18.23 -14.60 -17.95
N ASN A 545 17.69 -15.47 -18.81
CA ASN A 545 17.36 -15.07 -20.17
C ASN A 545 16.28 -13.98 -20.18
N LEU A 546 15.39 -13.98 -19.19
CA LEU A 546 14.34 -12.96 -19.13
C LEU A 546 14.92 -11.57 -18.94
N PHE A 547 16.09 -11.47 -18.31
CA PHE A 547 16.72 -10.18 -18.06
C PHE A 547 17.69 -9.77 -19.16
N GLU A 548 17.79 -10.55 -20.25
CA GLU A 548 18.70 -10.19 -21.33
C GLU A 548 18.32 -8.83 -21.92
N GLY A 549 19.33 -7.98 -22.09
CA GLY A 549 19.13 -6.62 -22.51
C GLY A 549 19.20 -5.60 -21.40
N MET A 550 19.05 -6.04 -20.16
CA MET A 550 19.17 -5.17 -18.99
C MET A 550 20.38 -5.61 -18.18
N HIS A 551 21.18 -4.64 -17.76
CA HIS A 551 22.31 -4.92 -16.89
C HIS A 551 21.80 -5.24 -15.49
N ILE A 552 22.31 -6.31 -14.90
CA ILE A 552 21.93 -6.74 -13.56
C ILE A 552 22.98 -6.23 -12.58
N PRO A 553 22.62 -5.43 -11.59
CA PRO A 553 23.61 -4.91 -10.65
C PRO A 553 24.40 -6.02 -9.96
N THR A 554 25.72 -5.86 -9.92
CA THR A 554 26.64 -6.74 -9.23
C THR A 554 27.00 -6.17 -7.87
N THR A 555 27.75 -6.96 -7.09
CA THR A 555 28.27 -6.44 -5.83
C THR A 555 29.15 -5.22 -6.06
N GLU A 556 29.78 -5.10 -7.23
CA GLU A 556 30.60 -3.94 -7.51
C GLU A 556 29.77 -2.69 -7.75
N ASP A 557 28.68 -2.82 -8.53
CA ASP A 557 27.75 -1.71 -8.71
C ASP A 557 27.17 -1.24 -7.38
N TRP A 558 26.93 -2.19 -6.46
CA TRP A 558 26.39 -1.82 -5.14
C TRP A 558 27.43 -1.07 -4.32
N LYS A 559 28.70 -1.49 -4.39
CA LYS A 559 29.78 -0.74 -3.74
C LYS A 559 29.85 0.70 -4.24
N LYS A 560 29.66 0.91 -5.55
CA LYS A 560 29.71 2.27 -6.07
C LYS A 560 28.46 3.06 -5.70
N LEU A 561 27.31 2.40 -5.59
CA LEU A 561 26.12 3.09 -5.12
C LEU A 561 26.24 3.42 -3.64
N LYS A 562 26.77 2.47 -2.84
CA LYS A 562 27.03 2.76 -1.44
C LYS A 562 27.89 4.02 -1.29
N ALA A 563 28.96 4.11 -2.08
CA ALA A 563 29.83 5.27 -2.01
C ALA A 563 29.10 6.53 -2.47
N PHE A 564 28.29 6.40 -3.51
CA PHE A 564 27.54 7.55 -4.02
C PHE A 564 26.59 8.09 -2.94
N VAL A 565 25.81 7.20 -2.33
CA VAL A 565 24.91 7.62 -1.24
C VAL A 565 25.70 8.24 -0.10
N ALA A 566 26.87 7.68 0.22
CA ALA A 566 27.66 8.20 1.32
C ALA A 566 28.10 9.64 1.08
N GLU A 567 28.23 10.03 -0.18
CA GLU A 567 28.64 11.39 -0.47
C GLU A 567 27.46 12.35 -0.58
N HIS A 568 26.36 11.92 -1.18
CA HIS A 568 25.23 12.79 -1.44
C HIS A 568 24.04 12.57 -0.52
N GLY A 569 23.95 11.41 0.13
CA GLY A 569 22.81 11.15 0.98
C GLY A 569 21.60 10.71 0.16
N MET A 570 20.44 10.75 0.81
CA MET A 570 19.21 10.36 0.15
C MET A 570 18.09 11.34 0.48
N TYR A 571 17.20 11.53 -0.49
CA TYR A 571 16.08 12.46 -0.37
C TYR A 571 14.89 11.86 0.36
N HIS A 572 14.74 10.53 0.31
CA HIS A 572 13.54 9.82 0.79
C HIS A 572 13.90 8.94 1.97
N SER A 573 13.18 9.10 3.09
CA SER A 573 13.36 8.18 4.20
C SER A 573 12.84 6.79 3.88
N TYR A 574 11.85 6.68 2.98
CA TYR A 574 11.31 5.40 2.57
C TYR A 574 10.90 5.52 1.12
N ARG A 575 11.02 4.41 0.38
CA ARG A 575 10.83 4.45 -1.06
C ARG A 575 9.86 3.41 -1.60
N LEU A 576 9.87 2.19 -1.06
CA LEU A 576 9.14 1.08 -1.66
C LEU A 576 8.14 0.47 -0.68
N CYS A 577 6.94 0.19 -1.19
CA CYS A 577 5.97 -0.66 -0.50
C CYS A 577 5.00 -1.15 -1.55
N ILE A 578 4.44 -2.33 -1.33
CA ILE A 578 3.61 -2.99 -2.32
C ILE A 578 2.18 -3.04 -1.77
N ALA A 579 1.36 -2.12 -2.24
CA ALA A 579 -0.02 -2.06 -1.80
C ALA A 579 -0.87 -3.03 -2.62
N PRO A 580 -2.08 -3.34 -2.16
CA PRO A 580 -3.00 -4.04 -3.04
C PRO A 580 -3.35 -3.14 -4.22
N THR A 581 -3.84 -3.75 -5.29
CA THR A 581 -4.34 -3.00 -6.44
C THR A 581 -5.81 -3.36 -6.62
N GLY A 582 -6.69 -2.35 -6.60
CA GLY A 582 -8.11 -2.56 -6.80
C GLY A 582 -8.52 -2.53 -8.26
N SER A 583 -9.58 -1.77 -8.56
CA SER A 583 -10.15 -1.73 -9.91
C SER A 583 -9.11 -1.46 -10.97
N ILE A 584 -8.08 -0.67 -10.66
CA ILE A 584 -7.09 -0.31 -11.66
C ILE A 584 -6.38 -1.53 -12.24
N SER A 585 -6.35 -2.65 -11.49
CA SER A 585 -5.78 -3.89 -12.03
C SER A 585 -6.42 -4.26 -13.36
N TYR A 586 -7.74 -4.10 -13.47
CA TYR A 586 -8.41 -4.33 -14.75
C TYR A 586 -7.86 -3.40 -15.82
N VAL A 587 -7.86 -2.09 -15.55
CA VAL A 587 -7.37 -1.09 -16.51
C VAL A 587 -5.96 -1.43 -16.99
N GLN A 588 -5.16 -2.03 -16.12
CA GLN A 588 -3.78 -2.38 -16.44
C GLN A 588 -3.67 -3.73 -17.13
N SER A 589 -4.74 -4.51 -17.22
CA SER A 589 -4.68 -5.89 -17.69
C SER A 589 -3.60 -6.64 -16.90
N SER A 590 -3.72 -6.59 -15.59
CA SER A 590 -2.69 -7.04 -14.68
C SER A 590 -3.30 -7.81 -13.53
N THR A 591 -2.63 -8.90 -13.13
CA THR A 591 -3.04 -9.58 -11.91
C THR A 591 -2.77 -8.69 -10.70
N ALA A 592 -3.61 -8.83 -9.68
CA ALA A 592 -3.58 -7.92 -8.54
C ALA A 592 -2.26 -8.02 -7.80
N SER A 593 -1.57 -6.88 -7.67
CA SER A 593 -0.37 -6.75 -6.83
C SER A 593 0.66 -7.82 -7.14
N VAL A 594 1.23 -8.44 -6.09
CA VAL A 594 2.13 -9.57 -6.24
C VAL A 594 1.50 -10.86 -5.74
N MET A 595 0.19 -10.87 -5.49
CA MET A 595 -0.51 -12.03 -5.01
C MET A 595 -0.79 -13.01 -6.15
N PRO A 596 -0.99 -14.28 -5.85
CA PRO A 596 -1.51 -15.21 -6.85
C PRO A 596 -2.96 -14.88 -7.19
N ILE A 597 -3.34 -15.15 -8.44
CA ILE A 597 -4.72 -14.91 -8.85
C ILE A 597 -5.67 -15.77 -8.02
N MET A 598 -6.87 -15.26 -7.82
CA MET A 598 -7.88 -15.98 -7.05
C MET A 598 -8.75 -16.89 -7.92
N GLU A 599 -9.19 -16.38 -9.08
CA GLU A 599 -10.03 -17.13 -10.01
C GLU A 599 -9.44 -17.04 -11.41
N ARG A 600 -9.50 -18.14 -12.15
CA ARG A 600 -9.06 -18.10 -13.54
C ARG A 600 -9.98 -17.23 -14.38
N ILE A 601 -11.28 -17.20 -14.03
CA ILE A 601 -12.29 -16.44 -14.77
C ILE A 601 -13.25 -15.86 -13.74
N GLU A 602 -13.36 -14.54 -13.69
CA GLU A 602 -14.27 -13.89 -12.75
C GLU A 602 -15.64 -13.72 -13.38
N GLU A 603 -16.67 -14.15 -12.66
CA GLU A 603 -18.06 -13.90 -13.03
C GLU A 603 -18.64 -12.89 -12.07
N ARG A 604 -19.04 -11.73 -12.61
CA ARG A 604 -19.69 -10.68 -11.84
C ARG A 604 -20.89 -10.17 -12.61
N THR A 605 -21.94 -9.87 -11.84
CA THR A 605 -23.15 -9.30 -12.45
C THR A 605 -23.13 -7.78 -12.30
N TYR A 606 -23.45 -7.11 -13.40
CA TYR A 606 -23.60 -5.63 -13.46
C TYR A 606 -24.89 -5.29 -14.21
N GLY A 607 -25.82 -4.61 -13.55
CA GLY A 607 -27.06 -4.11 -14.19
C GLY A 607 -27.88 -5.15 -14.95
N ASN A 608 -28.19 -6.29 -14.31
CA ASN A 608 -29.04 -7.38 -14.85
C ASN A 608 -28.33 -8.24 -15.90
N SER A 609 -27.01 -8.05 -16.06
CA SER A 609 -26.20 -8.82 -17.04
C SER A 609 -25.02 -9.44 -16.30
N LYS A 610 -24.57 -10.61 -16.77
CA LYS A 610 -23.42 -11.30 -16.15
C LYS A 610 -22.22 -11.06 -17.05
N THR A 611 -21.11 -10.63 -16.47
CA THR A 611 -19.88 -10.38 -17.22
C THR A 611 -18.83 -11.39 -16.80
N TYR A 612 -17.93 -11.69 -17.75
CA TYR A 612 -16.84 -12.64 -17.53
C TYR A 612 -15.50 -11.94 -17.81
N TYR A 613 -14.54 -12.13 -16.91
CA TYR A 613 -13.20 -11.59 -17.07
C TYR A 613 -12.18 -12.70 -16.80
N PRO A 614 -11.64 -13.32 -17.84
CA PRO A 614 -10.52 -14.25 -17.63
C PRO A 614 -9.26 -13.48 -17.30
N MET A 615 -8.37 -14.13 -16.55
CA MET A 615 -7.17 -13.45 -16.06
C MET A 615 -6.37 -12.90 -17.23
N PRO A 616 -5.74 -11.72 -17.07
CA PRO A 616 -4.97 -11.11 -18.16
C PRO A 616 -3.95 -12.08 -18.75
N GLY A 617 -4.21 -12.53 -19.98
CA GLY A 617 -3.32 -13.44 -20.67
C GLY A 617 -3.74 -14.90 -20.63
N LEU A 618 -4.85 -15.22 -19.96
CA LEU A 618 -5.25 -16.61 -19.81
C LEU A 618 -5.59 -17.23 -21.16
N ALA A 619 -4.84 -18.25 -21.54
CA ALA A 619 -5.09 -19.03 -22.74
C ALA A 619 -5.24 -20.50 -22.35
N SER A 620 -5.59 -21.33 -23.34
CA SER A 620 -5.72 -22.75 -23.06
C SER A 620 -4.35 -23.41 -22.85
N ASN A 621 -3.31 -22.92 -23.52
CA ASN A 621 -1.97 -23.50 -23.39
C ASN A 621 -1.14 -22.86 -22.27
N ASN A 622 -1.73 -21.99 -21.43
CA ASN A 622 -1.08 -21.59 -20.20
C ASN A 622 -2.02 -21.78 -19.01
N TRP A 623 -3.10 -22.53 -19.20
CA TRP A 623 -4.07 -22.78 -18.14
C TRP A 623 -3.39 -23.26 -16.86
N PHE A 624 -2.41 -24.16 -16.99
CA PHE A 624 -1.76 -24.73 -15.81
C PHE A 624 -1.05 -23.66 -14.97
N PHE A 625 -0.52 -22.61 -15.59
CA PHE A 625 0.25 -21.61 -14.85
C PHE A 625 -0.61 -20.58 -14.13
N TYR A 626 -1.87 -20.42 -14.51
CA TYR A 626 -2.79 -19.57 -13.75
C TYR A 626 -3.46 -20.37 -12.63
N LYS A 627 -2.62 -20.97 -11.80
CA LYS A 627 -3.12 -21.78 -10.69
C LYS A 627 -3.81 -20.88 -9.67
N GLU A 628 -5.00 -21.29 -9.23
CA GLU A 628 -5.80 -20.47 -8.35
C GLU A 628 -5.25 -20.50 -6.93
N ALA A 629 -5.29 -19.34 -6.27
CA ALA A 629 -4.57 -19.16 -5.01
C ALA A 629 -5.01 -20.15 -3.95
N TYR A 630 -6.31 -20.45 -3.88
CA TYR A 630 -6.81 -21.33 -2.83
C TYR A 630 -6.30 -22.75 -2.98
N ASP A 631 -5.82 -23.14 -4.15
CA ASP A 631 -5.20 -24.44 -4.35
C ASP A 631 -3.69 -24.43 -4.13
N MET A 632 -3.12 -23.31 -3.70
CA MET A 632 -1.68 -23.23 -3.51
C MET A 632 -1.31 -23.58 -2.07
N ASP A 633 -0.03 -23.89 -1.88
CA ASP A 633 0.55 -24.10 -0.57
C ASP A 633 0.92 -22.74 0.00
N MET A 634 0.23 -22.33 1.08
CA MET A 634 0.51 -21.01 1.66
C MET A 634 1.93 -20.92 2.21
N PHE A 635 2.56 -22.04 2.53
CA PHE A 635 3.95 -22.02 2.98
C PHE A 635 4.89 -21.66 1.83
N LYS A 636 4.58 -22.13 0.62
CA LYS A 636 5.36 -21.72 -0.55
C LYS A 636 5.11 -20.25 -0.89
N VAL A 637 3.85 -19.80 -0.75
CA VAL A 637 3.55 -18.39 -0.99
C VAL A 637 4.30 -17.51 0.00
N VAL A 638 4.31 -17.90 1.28
CA VAL A 638 5.12 -17.18 2.27
C VAL A 638 6.57 -17.10 1.82
N ASP A 639 7.13 -18.20 1.30
CA ASP A 639 8.50 -18.16 0.77
C ASP A 639 8.64 -17.11 -0.34
N MET A 640 7.68 -17.06 -1.26
CA MET A 640 7.75 -16.06 -2.33
C MET A 640 7.77 -14.65 -1.76
N ILE A 641 6.81 -14.33 -0.88
CA ILE A 641 6.73 -12.98 -0.33
C ILE A 641 8.00 -12.64 0.45
N ALA A 642 8.48 -13.58 1.27
CA ALA A 642 9.71 -13.32 2.02
C ALA A 642 10.88 -13.02 1.10
N THR A 643 10.89 -13.61 -0.11
CA THR A 643 11.93 -13.31 -1.09
C THR A 643 11.79 -11.88 -1.62
N ILE A 644 10.58 -11.50 -2.03
CA ILE A 644 10.35 -10.12 -2.46
C ILE A 644 10.71 -9.14 -1.34
N GLN A 645 10.34 -9.48 -0.11
CA GLN A 645 10.49 -8.55 1.02
C GLN A 645 11.95 -8.19 1.32
N GLN A 646 12.91 -9.01 0.89
CA GLN A 646 14.33 -8.69 1.11
C GLN A 646 14.70 -7.33 0.53
N HIS A 647 14.03 -6.92 -0.55
CA HIS A 647 14.43 -5.77 -1.35
C HIS A 647 13.39 -4.66 -1.30
N ILE A 648 12.43 -4.75 -0.39
CA ILE A 648 11.41 -3.73 -0.16
C ILE A 648 11.67 -3.17 1.23
N ASP A 649 11.86 -1.85 1.33
CA ASP A 649 12.23 -1.30 2.63
C ASP A 649 11.02 -1.14 3.56
N GLN A 650 9.82 -0.96 3.03
CA GLN A 650 8.59 -0.99 3.82
C GLN A 650 7.99 -2.39 3.72
N GLY A 651 6.68 -2.55 3.49
CA GLY A 651 6.03 -3.83 3.60
C GLY A 651 5.26 -4.21 2.35
N ILE A 652 4.61 -5.36 2.45
CA ILE A 652 3.88 -5.98 1.35
C ILE A 652 2.52 -6.40 1.88
N SER A 653 1.46 -5.88 1.27
CA SER A 653 0.12 -6.34 1.62
C SER A 653 -0.04 -7.81 1.25
N PHE A 654 -0.21 -8.66 2.25
CA PHE A 654 -0.09 -10.12 2.08
C PHE A 654 -1.32 -10.79 2.67
N THR A 655 -2.22 -11.23 1.82
CA THR A 655 -3.43 -11.95 2.20
C THR A 655 -3.21 -13.45 2.03
N LEU A 656 -3.41 -14.21 3.11
CA LEU A 656 -3.42 -15.66 2.99
C LEU A 656 -4.72 -16.13 2.35
N PHE A 657 -4.62 -17.16 1.53
CA PHE A 657 -5.75 -17.74 0.78
C PHE A 657 -5.94 -19.16 1.30
N LEU A 658 -6.95 -19.34 2.15
CA LEU A 658 -7.14 -20.55 2.93
C LEU A 658 -8.51 -21.15 2.67
N LYS A 659 -8.58 -22.48 2.72
CA LYS A 659 -9.86 -23.17 2.66
C LYS A 659 -10.41 -23.32 4.07
N ASP A 660 -11.74 -23.41 4.18
CA ASP A 660 -12.37 -23.52 5.49
C ASP A 660 -12.04 -24.83 6.20
N THR A 661 -11.36 -25.76 5.53
CA THR A 661 -10.96 -27.05 6.09
C THR A 661 -9.61 -26.95 6.80
N MET A 662 -9.33 -25.81 7.43
CA MET A 662 -8.05 -25.57 8.10
C MET A 662 -8.28 -25.50 9.59
N THR A 663 -7.63 -26.39 10.33
CA THR A 663 -7.72 -26.32 11.78
C THR A 663 -7.03 -25.05 12.28
N THR A 664 -7.39 -24.64 13.49
CA THR A 664 -6.79 -23.45 14.08
C THR A 664 -5.30 -23.64 14.34
N ARG A 665 -4.84 -24.89 14.53
CA ARG A 665 -3.41 -25.13 14.65
C ARG A 665 -2.71 -25.06 13.31
N ASP A 666 -3.36 -25.50 12.23
CA ASP A 666 -2.82 -25.26 10.90
C ASP A 666 -2.62 -23.78 10.66
N LEU A 667 -3.60 -22.96 11.09
CA LEU A 667 -3.49 -21.53 10.86
C LEU A 667 -2.32 -20.94 11.64
N ASN A 668 -2.13 -21.35 12.88
CA ASN A 668 -1.03 -20.80 13.67
C ASN A 668 0.32 -21.28 13.17
N ARG A 669 0.39 -22.49 12.60
CA ARG A 669 1.63 -22.95 11.99
C ARG A 669 2.05 -22.06 10.82
N ILE A 670 1.10 -21.55 10.05
CA ILE A 670 1.43 -20.58 9.00
C ILE A 670 1.95 -19.29 9.63
N ASP A 671 1.24 -18.77 10.64
CA ASP A 671 1.69 -17.57 11.35
C ASP A 671 3.13 -17.73 11.83
N LEU A 672 3.42 -18.83 12.51
CA LEU A 672 4.76 -19.03 13.04
C LEU A 672 5.77 -19.16 11.92
N TYR A 673 5.38 -19.77 10.80
CA TYR A 673 6.30 -19.91 9.68
C TYR A 673 6.55 -18.57 8.99
N ALA A 674 5.49 -17.75 8.84
CA ALA A 674 5.67 -16.41 8.32
C ALA A 674 6.62 -15.60 9.19
N HIS A 675 6.43 -15.64 10.51
CA HIS A 675 7.36 -14.95 11.40
C HIS A 675 8.77 -15.48 11.20
N HIS A 676 8.91 -16.81 11.13
CA HIS A 676 10.21 -17.44 10.95
C HIS A 676 10.92 -16.91 9.71
N ARG A 677 10.19 -16.79 8.60
CA ARG A 677 10.78 -16.38 7.33
C ARG A 677 10.99 -14.88 7.20
N GLY A 678 10.68 -14.09 8.23
CA GLY A 678 10.92 -12.66 8.22
C GLY A 678 9.80 -11.80 7.65
N ILE A 679 8.64 -12.39 7.36
CA ILE A 679 7.47 -11.62 6.93
C ILE A 679 7.18 -10.49 7.92
N LYS A 680 6.84 -9.31 7.40
CA LYS A 680 6.57 -8.17 8.27
C LYS A 680 5.10 -8.05 8.68
N THR A 681 4.18 -8.19 7.73
CA THR A 681 2.74 -8.08 8.00
C THR A 681 2.02 -9.18 7.24
N ILE A 682 0.85 -9.56 7.74
CA ILE A 682 0.08 -10.66 7.15
C ILE A 682 -1.36 -10.56 7.64
N TYR A 683 -2.30 -10.96 6.79
CA TYR A 683 -3.70 -11.15 7.17
C TYR A 683 -4.33 -12.13 6.18
N TYR A 684 -5.65 -12.30 6.27
CA TYR A 684 -6.37 -13.27 5.43
C TYR A 684 -7.18 -12.54 4.37
N ALA A 685 -7.35 -13.20 3.22
CA ALA A 685 -8.17 -12.66 2.13
C ALA A 685 -9.65 -12.67 2.49
N CYS A 695 -10.12 -0.64 2.85
CA CYS A 695 -8.76 -0.35 2.40
C CYS A 695 -8.69 0.51 1.14
N LEU A 696 -9.85 0.88 0.60
CA LEU A 696 -9.90 1.51 -0.73
C LEU A 696 -9.00 2.74 -0.82
N SER A 697 -8.88 3.50 0.26
CA SER A 697 -8.04 4.71 0.22
C SER A 697 -6.56 4.40 0.21
N CYS A 698 -6.15 3.19 0.60
CA CYS A 698 -4.75 2.83 0.72
C CYS A 698 -4.33 1.75 -0.28
N VAL A 699 -5.06 1.62 -1.38
CA VAL A 699 -4.68 0.73 -2.46
C VAL A 699 -4.32 1.57 -3.68
N VAL A 700 -3.53 0.98 -4.55
CA VAL A 700 -3.21 1.60 -5.83
C VAL A 700 -4.40 1.42 -6.80
PA TTP B . -5.43 13.05 30.97
O1A TTP B . -6.46 13.73 30.16
O2A TTP B . -4.01 13.47 30.62
O3A TTP B . -5.60 13.27 32.54
PB TTP B . -4.74 14.16 33.56
O1B TTP B . -3.56 14.77 32.88
O2B TTP B . -5.68 15.10 34.26
O3B TTP B . -4.27 13.08 34.64
PG TTP B . -2.93 12.23 34.63
O1G TTP B . -3.13 10.92 35.35
O2G TTP B . -1.83 13.12 35.23
O3G TTP B . -2.59 12.06 33.16
O5' TTP B . -5.41 11.50 30.74
C5' TTP B . -6.33 10.60 31.34
C4' TTP B . -6.30 9.29 30.60
O4' TTP B . -7.52 8.59 30.91
C3' TTP B . -6.29 9.40 29.08
O3' TTP B . -5.82 8.20 28.48
C2' TTP B . -7.77 9.60 28.77
C1' TTP B . -8.44 8.77 29.85
N1 TTP B . -9.65 9.43 30.43
C2 TTP B . -10.76 8.65 30.62
O2 TTP B . -10.71 7.42 30.45
N3 TTP B . -12.00 9.21 31.01
C4 TTP B . -12.00 10.54 31.27
O4 TTP B . -13.07 11.03 31.62
C5 TTP B . -10.78 11.31 31.12
C5M TTP B . -10.78 12.77 31.49
C6 TTP B . -9.64 10.70 30.68
PB ADP C . -9.48 1.59 -35.99
O1B ADP C . -9.58 3.05 -35.67
O2B ADP C . -8.11 0.98 -35.63
O3B ADP C . -9.79 1.28 -37.46
PA ADP C . -12.14 0.60 -35.35
O1A ADP C . -12.56 1.19 -36.64
O2A ADP C . -12.47 -0.89 -35.16
O3A ADP C . -10.57 0.75 -35.16
O5' ADP C . -12.80 1.38 -34.13
C5' ADP C . -13.16 2.78 -34.14
C4' ADP C . -12.62 3.46 -32.91
O4' ADP C . -13.16 2.84 -31.73
C3' ADP C . -11.11 3.39 -32.72
O3' ADP C . -10.44 4.38 -33.47
C2' ADP C . -10.97 3.62 -31.21
O2' ADP C . -10.97 5.00 -30.87
C1' ADP C . -12.22 2.92 -30.66
N9 ADP C . -11.96 1.57 -30.17
C8 ADP C . -12.41 0.39 -30.68
N7 ADP C . -11.99 -0.68 -30.04
C5 ADP C . -11.19 -0.15 -29.03
C6 ADP C . -10.44 -0.76 -28.00
N6 ADP C . -10.35 -2.08 -27.82
N1 ADP C . -9.77 0.06 -27.15
C2 ADP C . -9.84 1.38 -27.34
N3 ADP C . -10.51 2.05 -28.27
C4 ADP C . -11.17 1.23 -29.09
PG ATP D . -3.14 19.62 -36.14
O1G ATP D . -2.71 20.53 -35.04
O2G ATP D . -2.02 19.29 -37.14
O3G ATP D . -4.33 20.17 -36.95
PB ATP D . -5.12 17.75 -35.23
O1B ATP D . -6.10 18.19 -36.26
O2B ATP D . -5.07 16.24 -34.97
O3B ATP D . -3.65 18.23 -35.57
PA ATP D . -6.61 18.42 -32.83
O1A ATP D . -7.80 17.83 -33.47
O2A ATP D . -6.79 19.83 -32.26
O3A ATP D . -5.37 18.46 -33.82
O5' ATP D . -6.12 17.50 -31.60
C5' ATP D . -4.77 17.43 -31.12
C4' ATP D . -4.69 16.26 -30.18
O4' ATP D . -5.74 16.35 -29.20
C3' ATP D . -4.85 14.89 -30.86
O3' ATP D . -3.87 13.96 -30.41
C2' ATP D . -6.26 14.46 -30.45
O2' ATP D . -6.40 13.04 -30.36
C1' ATP D . -6.38 15.10 -29.08
N9 ATP D . -7.74 15.30 -28.60
C8 ATP D . -8.24 14.90 -27.40
N7 ATP D . -9.52 15.15 -27.23
C5 ATP D . -9.89 15.77 -28.42
C6 ATP D . -11.12 16.27 -28.88
N6 ATP D . -12.26 16.20 -28.18
N1 ATP D . -11.14 16.82 -30.11
C2 ATP D . -10.01 16.86 -30.82
N3 ATP D . -8.80 16.42 -30.49
C4 ATP D . -8.80 15.87 -29.27
MG MG E . -2.33 13.58 31.64
#